data_2AUV
#
_entry.id   2AUV
#
loop_
_entity.id
_entity.type
_entity.pdbx_description
1 polymer 'potential NAD-reducing hydrogenase subunit'
2 non-polymer 'FE2/S2 (INORGANIC) CLUSTER'
#
_entity_poly.entity_id   1
_entity_poly.type   'polypeptide(L)'
_entity_poly.pdbx_seq_one_letter_code
;MVPKGKYPISVCMGTACFVKGADKVVHAFKEQLKIDIGDVTPDGRFSIDTLRCVGGCALAPIVMVGEKVYGNVTPGQVKK
ILAEY
;
_entity_poly.pdbx_strand_id   A
#
# COMPACT_ATOMS: atom_id res chain seq x y z
N MET A 1 0.61 -10.76 -9.20
CA MET A 1 0.81 -12.09 -9.82
C MET A 1 2.17 -12.66 -9.42
N VAL A 2 3.24 -11.98 -9.79
CA VAL A 2 4.56 -12.35 -9.29
C VAL A 2 4.60 -12.14 -7.78
N PRO A 3 4.20 -10.93 -7.30
CA PRO A 3 3.75 -10.78 -5.93
C PRO A 3 2.43 -11.51 -5.77
N LYS A 4 2.42 -12.49 -4.86
CA LYS A 4 1.29 -13.41 -4.70
C LYS A 4 -0.04 -12.71 -4.76
N GLY A 5 -0.27 -11.87 -3.78
CA GLY A 5 -1.50 -11.12 -3.72
C GLY A 5 -2.35 -11.55 -2.57
N LYS A 6 -1.68 -11.97 -1.51
CA LYS A 6 -2.35 -12.31 -0.28
C LYS A 6 -3.14 -11.12 0.24
N TYR A 7 -2.46 -9.99 0.40
CA TYR A 7 -3.11 -8.76 0.79
C TYR A 7 -3.15 -7.79 -0.38
N PRO A 8 -4.15 -7.93 -1.29
CA PRO A 8 -4.40 -6.95 -2.36
C PRO A 8 -4.55 -5.54 -1.81
N ILE A 9 -3.45 -4.80 -1.80
CA ILE A 9 -3.42 -3.50 -1.19
C ILE A 9 -3.91 -2.41 -2.14
N SER A 10 -4.87 -1.62 -1.66
CA SER A 10 -5.45 -0.54 -2.43
C SER A 10 -4.84 0.80 -2.02
N VAL A 11 -4.06 1.40 -2.92
CA VAL A 11 -3.39 2.67 -2.65
C VAL A 11 -3.89 3.76 -3.61
N CYS A 12 -4.38 4.87 -3.09
CA CYS A 12 -4.76 5.98 -3.95
C CYS A 12 -3.54 6.61 -4.62
N MET A 13 -3.54 6.61 -5.93
CA MET A 13 -2.64 7.45 -6.71
C MET A 13 -3.46 8.33 -7.65
N GLY A 14 -4.73 8.53 -7.29
CA GLY A 14 -5.65 9.24 -8.16
C GLY A 14 -5.28 10.70 -8.34
N THR A 15 -6.02 11.42 -9.17
CA THR A 15 -5.63 12.75 -9.61
C THR A 15 -5.58 13.75 -8.47
N ALA A 16 -6.57 13.72 -7.60
CA ALA A 16 -6.66 14.67 -6.50
C ALA A 16 -5.59 14.40 -5.45
N CYS A 17 -5.55 13.18 -4.94
CA CYS A 17 -4.62 12.81 -3.88
C CYS A 17 -3.16 12.85 -4.37
N PHE A 18 -2.94 12.48 -5.63
CA PHE A 18 -1.60 12.44 -6.23
C PHE A 18 -0.94 13.82 -6.26
N VAL A 19 -1.76 14.86 -6.41
CA VAL A 19 -1.27 16.22 -6.61
C VAL A 19 -0.63 16.77 -5.33
N LYS A 20 -0.96 16.15 -4.20
CA LYS A 20 -0.48 16.59 -2.90
C LYS A 20 0.95 16.08 -2.68
N GLY A 21 1.53 15.50 -3.73
CA GLY A 21 2.91 15.07 -3.69
C GLY A 21 3.06 13.70 -3.07
N ALA A 22 1.98 12.94 -3.10
CA ALA A 22 1.92 11.67 -2.40
C ALA A 22 2.76 10.63 -3.13
N ASP A 23 3.01 10.88 -4.40
CA ASP A 23 3.75 9.94 -5.24
C ASP A 23 5.11 9.62 -4.65
N LYS A 24 5.84 10.64 -4.23
CA LYS A 24 7.20 10.41 -3.75
C LYS A 24 7.18 9.60 -2.47
N VAL A 25 6.20 9.88 -1.64
CA VAL A 25 6.05 9.14 -0.42
C VAL A 25 5.55 7.72 -0.68
N VAL A 26 4.64 7.53 -1.64
CA VAL A 26 4.26 6.17 -2.02
C VAL A 26 5.47 5.47 -2.65
N HIS A 27 6.35 6.26 -3.28
CA HIS A 27 7.55 5.71 -3.88
C HIS A 27 8.37 5.00 -2.83
N ALA A 28 8.42 5.61 -1.66
CA ALA A 28 9.06 4.99 -0.51
C ALA A 28 8.51 3.60 -0.33
N PHE A 29 7.18 3.51 -0.31
CA PHE A 29 6.46 2.25 -0.22
C PHE A 29 6.89 1.28 -1.31
N LYS A 30 6.92 1.79 -2.53
CA LYS A 30 7.33 0.98 -3.68
C LYS A 30 8.60 0.21 -3.37
N GLU A 31 9.56 0.93 -2.86
CA GLU A 31 10.87 0.36 -2.51
C GLU A 31 10.79 -0.40 -1.20
N GLN A 32 9.85 0.01 -0.37
CA GLN A 32 9.57 -0.67 0.87
C GLN A 32 9.14 -2.11 0.66
N LEU A 33 8.50 -2.41 -0.47
CA LEU A 33 8.23 -3.80 -0.82
C LEU A 33 9.52 -4.54 -0.64
N LYS A 34 10.52 -4.00 -1.34
CA LYS A 34 11.94 -4.39 -1.29
C LYS A 34 12.16 -5.84 -1.70
N ILE A 35 11.07 -6.57 -1.64
CA ILE A 35 10.89 -7.87 -2.23
C ILE A 35 11.99 -8.86 -1.87
N ASP A 36 12.01 -9.92 -2.66
CA ASP A 36 12.92 -11.03 -2.47
C ASP A 36 13.09 -11.71 -3.80
N ILE A 37 11.94 -12.10 -4.32
CA ILE A 37 11.81 -12.80 -5.60
C ILE A 37 10.35 -12.79 -6.00
N GLY A 38 9.58 -12.02 -5.26
CA GLY A 38 8.16 -12.16 -5.27
C GLY A 38 7.56 -11.12 -4.38
N ASP A 39 8.07 -11.09 -3.15
CA ASP A 39 7.65 -10.14 -2.17
C ASP A 39 8.52 -10.14 -0.97
N VAL A 40 8.69 -8.93 -0.49
CA VAL A 40 9.14 -8.56 0.85
C VAL A 40 9.88 -9.67 1.60
N THR A 41 9.10 -10.64 1.93
CA THR A 41 9.51 -11.79 2.70
C THR A 41 8.93 -12.95 1.98
N PRO A 42 9.72 -13.56 1.11
CA PRO A 42 9.25 -14.22 -0.09
C PRO A 42 7.90 -14.86 0.08
N ASP A 43 6.89 -14.06 -0.22
CA ASP A 43 5.52 -14.51 -0.01
C ASP A 43 4.60 -13.97 -1.09
N GLY A 44 4.45 -12.67 -1.09
CA GLY A 44 3.42 -12.07 -1.90
C GLY A 44 2.38 -11.43 -1.03
N ARG A 45 2.86 -10.86 0.04
CA ARG A 45 2.06 -10.12 0.98
C ARG A 45 1.42 -8.94 0.30
N PHE A 46 2.20 -8.28 -0.53
CA PHE A 46 1.78 -7.13 -1.26
C PHE A 46 1.05 -7.55 -2.55
N SER A 47 -0.05 -6.87 -2.83
CA SER A 47 -0.67 -6.92 -4.14
C SER A 47 -1.27 -5.55 -4.43
N ILE A 48 -0.39 -4.57 -4.56
CA ILE A 48 -0.80 -3.17 -4.62
C ILE A 48 -1.49 -2.84 -5.93
N ASP A 49 -2.65 -2.23 -5.83
CA ASP A 49 -3.25 -1.54 -6.95
C ASP A 49 -4.19 -0.46 -6.46
N THR A 50 -4.10 0.67 -7.16
CA THR A 50 -5.03 1.79 -7.08
C THR A 50 -6.52 1.41 -7.07
N LEU A 51 -6.92 0.49 -7.95
CA LEU A 51 -8.29 0.48 -8.49
C LEU A 51 -9.42 0.51 -7.45
N ARG A 52 -9.29 -0.26 -6.37
CA ARG A 52 -10.31 -0.23 -5.32
C ARG A 52 -10.37 1.16 -4.65
N CYS A 53 -9.23 1.55 -4.13
CA CYS A 53 -8.99 2.84 -3.48
C CYS A 53 -9.11 4.00 -4.49
N VAL A 54 -9.12 5.24 -4.00
CA VAL A 54 -9.56 6.43 -4.76
C VAL A 54 -11.07 6.40 -4.90
N GLY A 55 -11.69 5.78 -3.90
CA GLY A 55 -13.13 5.69 -3.85
C GLY A 55 -13.73 6.45 -2.67
N GLY A 56 -13.59 7.79 -2.64
CA GLY A 56 -14.33 8.56 -1.65
C GLY A 56 -14.00 8.26 -0.20
N CYS A 57 -12.73 8.40 0.22
CA CYS A 57 -12.27 7.76 1.45
C CYS A 57 -11.48 8.76 2.28
N ALA A 58 -10.77 9.65 1.59
CA ALA A 58 -9.69 10.46 2.15
C ALA A 58 -9.99 11.18 3.48
N LEU A 59 -11.25 11.51 3.79
CA LEU A 59 -11.49 12.18 5.07
C LEU A 59 -11.35 11.21 6.25
N ALA A 60 -10.98 9.96 5.97
CA ALA A 60 -10.31 9.10 6.92
C ALA A 60 -8.97 8.72 6.30
N PRO A 61 -7.96 8.31 7.07
CA PRO A 61 -6.82 7.65 6.44
C PRO A 61 -7.20 6.22 6.06
N ILE A 62 -7.15 5.91 4.78
CA ILE A 62 -7.36 4.55 4.31
C ILE A 62 -6.07 3.96 3.77
N VAL A 63 -5.72 2.75 4.20
CA VAL A 63 -4.79 1.94 3.46
C VAL A 63 -5.29 0.53 3.45
N MET A 64 -5.44 -0.10 2.31
CA MET A 64 -5.90 -1.45 2.34
C MET A 64 -4.82 -2.37 1.88
N VAL A 65 -4.66 -3.47 2.58
CA VAL A 65 -3.99 -4.64 2.06
C VAL A 65 -4.94 -5.78 2.19
N GLY A 66 -5.38 -6.34 1.09
CA GLY A 66 -6.30 -7.44 1.14
C GLY A 66 -7.40 -7.24 2.15
N GLU A 67 -7.79 -8.34 2.72
CA GLU A 67 -8.76 -8.36 3.79
C GLU A 67 -8.09 -7.97 5.10
N LYS A 68 -7.00 -7.20 4.99
CA LYS A 68 -6.19 -6.86 6.15
C LYS A 68 -6.42 -5.39 6.50
N VAL A 69 -6.51 -4.56 5.46
CA VAL A 69 -6.66 -3.09 5.60
C VAL A 69 -5.69 -2.47 6.64
N TYR A 70 -4.60 -1.88 6.15
CA TYR A 70 -3.54 -1.33 7.02
C TYR A 70 -3.37 0.18 6.86
N GLY A 71 -2.14 0.62 7.17
CA GLY A 71 -1.79 2.02 7.10
C GLY A 71 -0.46 2.26 6.41
N ASN A 72 0.04 1.27 5.66
CA ASN A 72 1.30 1.44 4.94
C ASN A 72 1.02 2.02 3.56
N VAL A 73 1.19 3.33 3.44
CA VAL A 73 0.83 4.06 2.22
C VAL A 73 1.98 4.89 1.69
N THR A 74 2.01 6.12 2.17
CA THR A 74 2.88 7.14 1.65
C THR A 74 3.52 7.97 2.78
N PRO A 75 2.75 8.76 3.55
CA PRO A 75 3.29 9.86 4.37
C PRO A 75 3.98 9.39 5.65
N GLY A 76 5.14 8.76 5.51
CA GLY A 76 5.93 8.39 6.67
C GLY A 76 5.44 7.12 7.34
N GLN A 77 4.18 6.76 7.08
CA GLN A 77 3.52 5.70 7.82
C GLN A 77 4.11 4.41 7.33
N VAL A 78 4.64 4.54 6.12
CA VAL A 78 5.18 3.48 5.38
C VAL A 78 6.13 2.65 6.20
N LYS A 79 7.18 3.29 6.71
CA LYS A 79 8.33 2.56 7.24
C LYS A 79 7.91 1.66 8.38
N LYS A 80 7.02 2.19 9.19
CA LYS A 80 6.62 1.52 10.40
C LYS A 80 5.59 0.49 10.10
N ILE A 81 4.66 0.90 9.29
CA ILE A 81 3.61 0.01 8.86
C ILE A 81 4.19 -1.07 7.92
N LEU A 82 5.38 -0.85 7.41
CA LEU A 82 6.07 -1.86 6.64
C LEU A 82 6.35 -3.07 7.50
N ALA A 83 6.70 -2.83 8.76
CA ALA A 83 6.83 -3.94 9.69
C ALA A 83 5.51 -4.70 9.75
N GLU A 84 4.44 -3.97 9.52
CA GLU A 84 3.10 -4.55 9.42
C GLU A 84 2.89 -5.31 8.11
N TYR A 85 3.50 -4.84 7.01
CA TYR A 85 3.27 -5.45 5.72
C TYR A 85 4.10 -6.71 5.54
N MET A 1 2.09 -10.30 -11.54
CA MET A 1 2.16 -11.63 -12.20
C MET A 1 1.19 -12.60 -11.52
N VAL A 2 1.46 -12.90 -10.26
CA VAL A 2 0.62 -13.82 -9.50
C VAL A 2 0.12 -13.16 -8.22
N PRO A 3 -1.14 -12.70 -8.22
CA PRO A 3 -1.75 -12.11 -7.04
C PRO A 3 -1.96 -13.15 -5.94
N LYS A 4 -1.05 -13.16 -4.96
CA LYS A 4 -1.09 -14.13 -3.89
C LYS A 4 -2.40 -14.07 -3.12
N GLY A 5 -2.82 -12.88 -2.83
CA GLY A 5 -4.17 -12.66 -2.33
C GLY A 5 -4.27 -12.54 -0.84
N LYS A 6 -3.15 -12.63 -0.16
CA LYS A 6 -3.10 -12.41 1.26
C LYS A 6 -3.44 -10.97 1.56
N TYR A 7 -2.66 -10.08 0.99
CA TYR A 7 -2.72 -8.65 1.20
C TYR A 7 -2.47 -7.91 -0.11
N PRO A 8 -3.31 -8.07 -1.14
CA PRO A 8 -3.21 -7.27 -2.36
C PRO A 8 -3.41 -5.79 -2.03
N ILE A 9 -2.30 -5.09 -1.78
CA ILE A 9 -2.37 -3.77 -1.22
C ILE A 9 -2.95 -2.80 -2.23
N SER A 10 -3.42 -1.67 -1.75
CA SER A 10 -4.10 -0.72 -2.60
C SER A 10 -3.72 0.71 -2.23
N VAL A 11 -3.02 1.36 -3.16
CA VAL A 11 -2.62 2.76 -3.02
C VAL A 11 -3.25 3.58 -4.14
N CYS A 12 -3.98 4.65 -3.81
CA CYS A 12 -4.55 5.50 -4.86
C CYS A 12 -3.45 6.19 -5.65
N MET A 13 -3.42 5.93 -6.94
CA MET A 13 -2.51 6.61 -7.84
C MET A 13 -3.30 7.28 -8.96
N GLY A 14 -4.58 7.53 -8.71
CA GLY A 14 -5.43 8.14 -9.72
C GLY A 14 -5.04 9.57 -10.02
N THR A 15 -5.73 10.18 -10.98
CA THR A 15 -5.40 11.55 -11.38
C THR A 15 -5.70 12.57 -10.27
N ALA A 16 -6.86 12.43 -9.62
CA ALA A 16 -7.33 13.42 -8.65
C ALA A 16 -6.51 13.41 -7.36
N CYS A 17 -6.45 12.26 -6.71
CA CYS A 17 -5.75 12.13 -5.43
C CYS A 17 -4.25 12.42 -5.57
N PHE A 18 -3.70 12.10 -6.74
CA PHE A 18 -2.26 12.24 -7.02
C PHE A 18 -1.78 13.69 -6.84
N VAL A 19 -2.66 14.66 -7.07
CA VAL A 19 -2.29 16.07 -7.12
C VAL A 19 -1.89 16.59 -5.74
N LYS A 20 -2.28 15.89 -4.69
CA LYS A 20 -2.03 16.33 -3.32
C LYS A 20 -0.60 16.00 -2.90
N GLY A 21 0.23 15.62 -3.86
CA GLY A 21 1.61 15.26 -3.58
C GLY A 21 1.74 13.80 -3.24
N ALA A 22 0.84 13.00 -3.79
CA ALA A 22 0.73 11.59 -3.44
C ALA A 22 1.88 10.80 -4.02
N ASP A 23 2.55 11.36 -5.02
CA ASP A 23 3.63 10.66 -5.68
C ASP A 23 4.69 10.23 -4.67
N LYS A 24 5.07 11.13 -3.77
CA LYS A 24 6.15 10.84 -2.85
C LYS A 24 5.80 9.68 -1.95
N VAL A 25 4.61 9.71 -1.38
CA VAL A 25 4.21 8.69 -0.46
C VAL A 25 4.08 7.36 -1.16
N VAL A 26 3.46 7.37 -2.32
CA VAL A 26 3.31 6.15 -3.08
C VAL A 26 4.69 5.61 -3.49
N HIS A 27 5.63 6.50 -3.82
CA HIS A 27 6.97 6.05 -4.18
C HIS A 27 7.57 5.30 -3.02
N ALA A 28 7.36 5.87 -1.84
CA ALA A 28 7.82 5.25 -0.62
C ALA A 28 7.23 3.86 -0.53
N PHE A 29 5.93 3.78 -0.79
CA PHE A 29 5.20 2.52 -0.77
C PHE A 29 5.81 1.50 -1.72
N LYS A 30 6.14 1.94 -2.92
CA LYS A 30 6.72 1.05 -3.91
C LYS A 30 7.94 0.35 -3.35
N GLU A 31 8.83 1.15 -2.81
CA GLU A 31 10.11 0.65 -2.29
C GLU A 31 9.93 0.06 -0.90
N GLN A 32 8.86 0.48 -0.23
CA GLN A 32 8.53 0.00 1.08
C GLN A 32 8.27 -1.50 1.05
N LEU A 33 7.77 -1.99 -0.08
CA LEU A 33 7.64 -3.42 -0.27
C LEU A 33 8.97 -4.05 -0.04
N LYS A 34 9.91 -3.51 -0.78
CA LYS A 34 11.35 -3.79 -0.70
C LYS A 34 11.69 -5.21 -1.07
N ILE A 35 10.66 -6.02 -1.02
CA ILE A 35 10.64 -7.36 -1.55
C ILE A 35 11.79 -8.24 -1.03
N ASP A 36 11.91 -9.39 -1.65
CA ASP A 36 12.88 -10.39 -1.26
C ASP A 36 13.12 -11.25 -2.46
N ILE A 37 12.00 -11.69 -3.03
CA ILE A 37 11.98 -12.60 -4.16
C ILE A 37 10.60 -12.61 -4.80
N GLY A 38 9.73 -11.76 -4.33
CA GLY A 38 8.33 -11.88 -4.66
C GLY A 38 7.59 -10.75 -4.03
N ASP A 39 7.65 -10.75 -2.71
CA ASP A 39 7.04 -9.75 -1.87
C ASP A 39 7.61 -9.87 -0.51
N VAL A 40 8.18 -8.75 -0.10
CA VAL A 40 8.63 -8.46 1.25
C VAL A 40 9.59 -9.48 1.79
N THR A 41 9.04 -10.60 2.07
CA THR A 41 9.75 -11.73 2.63
C THR A 41 9.10 -13.02 2.19
N PRO A 42 7.81 -13.22 2.50
CA PRO A 42 7.15 -14.45 2.16
C PRO A 42 6.84 -14.60 0.68
N ASP A 43 7.28 -13.64 -0.16
CA ASP A 43 7.23 -13.81 -1.60
C ASP A 43 5.81 -13.57 -2.03
N GLY A 44 5.06 -12.98 -1.11
CA GLY A 44 3.70 -12.64 -1.41
C GLY A 44 2.85 -12.57 -0.19
N ARG A 45 3.19 -11.62 0.65
CA ARG A 45 2.40 -11.28 1.77
C ARG A 45 1.51 -10.12 1.36
N PHE A 46 2.15 -9.00 1.06
CA PHE A 46 1.46 -7.88 0.49
C PHE A 46 1.81 -7.69 -0.99
N SER A 47 0.78 -7.67 -1.81
CA SER A 47 0.91 -7.51 -3.26
C SER A 47 0.48 -6.10 -3.65
N ILE A 48 1.44 -5.19 -3.69
CA ILE A 48 1.16 -3.77 -3.88
C ILE A 48 0.45 -3.48 -5.20
N ASP A 49 -0.73 -2.83 -5.15
CA ASP A 49 -1.31 -2.28 -6.39
C ASP A 49 -2.36 -1.21 -6.13
N THR A 50 -2.31 -0.19 -6.96
CA THR A 50 -3.34 0.84 -7.04
C THR A 50 -4.80 0.32 -7.10
N LEU A 51 -5.05 -0.70 -7.94
CA LEU A 51 -6.37 -0.94 -8.55
C LEU A 51 -7.57 -1.03 -7.59
N ARG A 52 -7.44 -1.65 -6.42
CA ARG A 52 -8.55 -1.66 -5.46
C ARG A 52 -8.89 -0.23 -5.03
N CYS A 53 -7.86 0.41 -4.51
CA CYS A 53 -7.89 1.79 -4.05
C CYS A 53 -8.16 2.74 -5.24
N VAL A 54 -8.51 3.99 -4.96
CA VAL A 54 -9.26 4.86 -5.88
C VAL A 54 -10.70 4.35 -5.95
N GLY A 55 -11.08 3.68 -4.87
CA GLY A 55 -12.39 3.11 -4.75
C GLY A 55 -13.22 3.71 -3.62
N GLY A 56 -13.55 5.00 -3.71
CA GLY A 56 -14.51 5.56 -2.74
C GLY A 56 -14.05 5.54 -1.29
N CYS A 57 -12.91 6.16 -0.96
CA CYS A 57 -12.22 5.87 0.30
C CYS A 57 -11.77 7.17 0.97
N ALA A 58 -11.42 8.15 0.14
CA ALA A 58 -10.62 9.31 0.55
C ALA A 58 -11.12 10.04 1.81
N LEU A 59 -12.42 10.01 2.12
CA LEU A 59 -12.85 10.64 3.37
C LEU A 59 -12.48 9.81 4.61
N ALA A 60 -11.70 8.77 4.40
CA ALA A 60 -11.00 8.07 5.47
C ALA A 60 -9.50 8.20 5.23
N PRO A 61 -8.64 8.00 6.25
CA PRO A 61 -7.25 7.71 5.97
C PRO A 61 -7.13 6.27 5.48
N ILE A 62 -6.59 6.08 4.30
CA ILE A 62 -6.50 4.74 3.74
C ILE A 62 -5.09 4.19 3.67
N VAL A 63 -4.91 2.96 4.11
CA VAL A 63 -3.81 2.14 3.62
C VAL A 63 -4.39 0.76 3.39
N MET A 64 -4.37 0.22 2.19
CA MET A 64 -5.02 -1.05 1.99
C MET A 64 -4.04 -2.14 1.65
N VAL A 65 -4.20 -3.30 2.27
CA VAL A 65 -3.68 -4.54 1.73
C VAL A 65 -4.82 -5.53 1.68
N GLY A 66 -5.18 -6.00 0.51
CA GLY A 66 -6.28 -6.90 0.41
C GLY A 66 -7.54 -6.26 0.92
N GLU A 67 -8.55 -7.05 1.07
CA GLU A 67 -9.72 -6.62 1.79
C GLU A 67 -9.42 -6.73 3.29
N LYS A 68 -8.17 -6.39 3.63
CA LYS A 68 -7.68 -6.48 4.99
C LYS A 68 -7.54 -5.07 5.56
N VAL A 69 -7.23 -4.13 4.66
CA VAL A 69 -7.14 -2.68 4.97
C VAL A 69 -6.31 -2.35 6.23
N TYR A 70 -5.18 -1.68 6.01
CA TYR A 70 -4.20 -1.42 7.08
C TYR A 70 -3.90 0.06 7.27
N GLY A 71 -2.88 0.29 8.08
CA GLY A 71 -2.37 1.61 8.32
C GLY A 71 -0.87 1.59 8.34
N ASN A 72 -0.26 0.97 7.31
CA ASN A 72 1.19 0.97 7.17
C ASN A 72 1.68 2.32 6.63
N VAL A 73 0.69 3.18 6.39
CA VAL A 73 0.90 4.60 6.09
C VAL A 73 1.65 4.81 4.77
N THR A 74 2.16 6.02 4.55
CA THR A 74 2.67 6.38 3.22
C THR A 74 3.99 7.19 3.24
N PRO A 75 4.14 8.25 4.08
CA PRO A 75 5.30 9.13 4.01
C PRO A 75 6.48 8.67 4.86
N GLY A 76 7.22 7.68 4.35
CA GLY A 76 8.45 7.24 5.04
C GLY A 76 8.16 6.36 6.24
N GLN A 77 6.97 6.50 6.79
CA GLN A 77 6.59 5.81 8.02
C GLN A 77 6.35 4.38 7.65
N VAL A 78 6.11 4.25 6.36
CA VAL A 78 5.88 3.01 5.70
C VAL A 78 6.89 1.94 6.11
N LYS A 79 8.17 2.18 5.86
CA LYS A 79 9.19 1.13 5.93
C LYS A 79 9.22 0.50 7.31
N LYS A 80 8.92 1.32 8.28
CA LYS A 80 8.93 0.93 9.66
C LYS A 80 7.66 0.21 9.98
N ILE A 81 6.59 0.85 9.61
CA ILE A 81 5.28 0.26 9.72
C ILE A 81 5.14 -0.94 8.78
N LEU A 82 6.15 -1.19 7.94
CA LEU A 82 6.20 -2.41 7.12
C LEU A 82 6.06 -3.63 8.02
N ALA A 83 6.37 -3.45 9.29
CA ALA A 83 6.08 -4.47 10.30
C ALA A 83 4.60 -4.87 10.29
N GLU A 84 3.77 -3.99 9.72
CA GLU A 84 2.36 -4.23 9.49
C GLU A 84 2.18 -5.28 8.42
N TYR A 85 2.86 -5.04 7.32
CA TYR A 85 2.62 -5.73 6.09
C TYR A 85 3.49 -6.97 5.94
N MET A 1 10.10 -9.25 -8.09
CA MET A 1 9.48 -9.68 -9.37
C MET A 1 8.00 -9.35 -9.37
N VAL A 2 7.16 -10.37 -9.19
CA VAL A 2 5.73 -10.17 -9.07
C VAL A 2 5.23 -10.79 -7.77
N PRO A 3 4.76 -9.97 -6.84
CA PRO A 3 4.27 -10.45 -5.54
C PRO A 3 3.01 -11.28 -5.67
N LYS A 4 2.86 -12.27 -4.79
CA LYS A 4 1.72 -13.18 -4.81
C LYS A 4 0.39 -12.45 -4.91
N GLY A 5 0.01 -11.87 -3.79
CA GLY A 5 -1.22 -11.12 -3.74
C GLY A 5 -2.12 -11.58 -2.61
N LYS A 6 -1.50 -11.94 -1.51
CA LYS A 6 -2.20 -12.20 -0.28
C LYS A 6 -3.01 -10.98 0.10
N TYR A 7 -2.30 -9.88 0.26
CA TYR A 7 -2.91 -8.60 0.53
C TYR A 7 -2.63 -7.62 -0.61
N PRO A 8 -3.48 -7.60 -1.64
CA PRO A 8 -3.44 -6.56 -2.68
C PRO A 8 -3.52 -5.17 -2.07
N ILE A 9 -2.37 -4.52 -1.89
CA ILE A 9 -2.35 -3.23 -1.23
C ILE A 9 -2.86 -2.15 -2.18
N SER A 10 -3.96 -1.55 -1.77
CA SER A 10 -4.69 -0.64 -2.61
C SER A 10 -4.36 0.80 -2.23
N VAL A 11 -3.70 1.48 -3.15
CA VAL A 11 -3.35 2.89 -2.97
C VAL A 11 -4.02 3.75 -4.05
N CYS A 12 -4.80 4.74 -3.65
CA CYS A 12 -5.46 5.61 -4.63
C CYS A 12 -4.44 6.44 -5.40
N MET A 13 -4.48 6.29 -6.72
CA MET A 13 -3.65 7.10 -7.60
C MET A 13 -4.53 7.84 -8.60
N GLY A 14 -5.80 8.05 -8.22
CA GLY A 14 -6.74 8.70 -9.11
C GLY A 14 -6.42 10.17 -9.33
N THR A 15 -7.22 10.83 -10.14
CA THR A 15 -6.95 12.23 -10.51
C THR A 15 -7.05 13.18 -9.31
N ALA A 16 -8.09 13.02 -8.51
CA ALA A 16 -8.36 13.92 -7.39
C ALA A 16 -7.35 13.72 -6.25
N CYS A 17 -7.27 12.48 -5.78
CA CYS A 17 -6.46 12.13 -4.62
C CYS A 17 -4.96 12.37 -4.88
N PHE A 18 -4.55 12.21 -6.14
CA PHE A 18 -3.15 12.35 -6.56
C PHE A 18 -2.61 13.75 -6.24
N VAL A 19 -3.51 14.73 -6.19
CA VAL A 19 -3.14 16.13 -6.08
C VAL A 19 -2.51 16.44 -4.71
N LYS A 20 -2.77 15.59 -3.72
CA LYS A 20 -2.25 15.82 -2.37
C LYS A 20 -0.79 15.37 -2.25
N GLY A 21 -0.15 15.09 -3.39
CA GLY A 21 1.25 14.72 -3.39
C GLY A 21 1.45 13.24 -3.13
N ALA A 22 0.46 12.46 -3.55
CA ALA A 22 0.39 11.05 -3.18
C ALA A 22 1.45 10.22 -3.88
N ASP A 23 1.98 10.72 -4.97
CA ASP A 23 2.94 9.96 -5.75
C ASP A 23 4.15 9.57 -4.90
N LYS A 24 4.67 10.52 -4.13
CA LYS A 24 5.90 10.25 -3.39
C LYS A 24 5.69 9.18 -2.34
N VAL A 25 4.57 9.25 -1.64
CA VAL A 25 4.28 8.30 -0.61
C VAL A 25 4.03 6.91 -1.18
N VAL A 26 3.32 6.86 -2.29
CA VAL A 26 3.13 5.59 -2.96
C VAL A 26 4.46 5.03 -3.46
N HIS A 27 5.37 5.92 -3.87
CA HIS A 27 6.71 5.50 -4.25
C HIS A 27 7.38 4.84 -3.08
N ALA A 28 7.14 5.41 -1.92
CA ALA A 28 7.62 4.83 -0.68
C ALA A 28 7.15 3.40 -0.56
N PHE A 29 5.86 3.18 -0.84
CA PHE A 29 5.28 1.84 -0.86
C PHE A 29 6.10 0.91 -1.74
N LYS A 30 6.38 1.37 -2.95
CA LYS A 30 7.15 0.58 -3.92
C LYS A 30 8.44 0.06 -3.29
N GLU A 31 9.17 0.95 -2.68
CA GLU A 31 10.48 0.63 -2.11
C GLU A 31 10.34 -0.03 -0.77
N GLN A 32 9.29 0.32 -0.07
CA GLN A 32 9.03 -0.23 1.22
C GLN A 32 8.68 -1.70 1.10
N LEU A 33 8.28 -2.14 -0.10
CA LEU A 33 8.14 -3.55 -0.35
C LEU A 33 9.45 -4.16 0.01
N LYS A 34 10.46 -3.62 -0.66
CA LYS A 34 11.87 -3.86 -0.35
C LYS A 34 12.26 -5.29 -0.69
N ILE A 35 11.23 -6.10 -0.75
CA ILE A 35 11.22 -7.43 -1.32
C ILE A 35 12.24 -8.36 -0.70
N ASP A 36 12.28 -9.55 -1.26
CA ASP A 36 13.07 -10.63 -0.73
C ASP A 36 13.30 -11.61 -1.85
N ILE A 37 12.22 -11.85 -2.57
CA ILE A 37 12.17 -12.86 -3.63
C ILE A 37 10.92 -12.73 -4.47
N GLY A 38 10.09 -11.78 -4.11
CA GLY A 38 8.73 -11.77 -4.55
C GLY A 38 8.06 -10.59 -3.91
N ASP A 39 8.23 -10.59 -2.60
CA ASP A 39 7.78 -9.53 -1.76
C ASP A 39 8.30 -9.74 -0.38
N VAL A 40 8.76 -8.61 0.13
CA VAL A 40 9.12 -8.34 1.52
C VAL A 40 9.81 -9.49 2.23
N THR A 41 9.08 -10.52 2.38
CA THR A 41 9.53 -11.73 3.05
C THR A 41 8.82 -12.95 2.50
N PRO A 42 7.48 -13.02 2.59
CA PRO A 42 6.76 -14.18 2.17
C PRO A 42 6.36 -14.18 0.69
N ASP A 43 6.97 -13.30 -0.13
CA ASP A 43 6.96 -13.51 -1.59
C ASP A 43 5.67 -12.98 -2.18
N GLY A 44 4.82 -12.50 -1.30
CA GLY A 44 3.65 -11.82 -1.76
C GLY A 44 2.67 -11.49 -0.67
N ARG A 45 3.18 -10.83 0.37
CA ARG A 45 2.33 -10.26 1.37
C ARG A 45 1.61 -9.06 0.79
N PHE A 46 2.37 -8.12 0.24
CA PHE A 46 1.77 -6.95 -0.31
C PHE A 46 2.20 -6.65 -1.75
N SER A 47 1.20 -6.63 -2.61
CA SER A 47 1.36 -6.28 -4.01
C SER A 47 0.60 -5.00 -4.27
N ILE A 48 1.35 -3.92 -4.43
CA ILE A 48 0.78 -2.59 -4.49
C ILE A 48 0.03 -2.33 -5.80
N ASP A 49 -1.26 -2.01 -5.71
CA ASP A 49 -1.98 -1.49 -6.86
C ASP A 49 -3.23 -0.71 -6.45
N THR A 50 -3.45 0.36 -7.21
CA THR A 50 -4.61 1.23 -7.16
C THR A 50 -6.00 0.54 -7.04
N LEU A 51 -6.23 -0.48 -7.86
CA LEU A 51 -7.58 -0.77 -8.37
C LEU A 51 -8.71 -0.91 -7.32
N ARG A 52 -8.46 -1.57 -6.19
CA ARG A 52 -9.50 -1.69 -5.15
C ARG A 52 -9.88 -0.31 -4.61
N CYS A 53 -8.86 0.36 -4.09
CA CYS A 53 -8.90 1.72 -3.56
C CYS A 53 -9.22 2.72 -4.68
N VAL A 54 -9.46 4.00 -4.32
CA VAL A 54 -10.16 4.99 -5.16
C VAL A 54 -11.66 4.71 -5.11
N GLY A 55 -12.07 4.17 -3.99
CA GLY A 55 -13.47 3.96 -3.73
C GLY A 55 -14.00 4.86 -2.61
N GLY A 56 -13.94 6.19 -2.81
CA GLY A 56 -14.63 7.09 -1.90
C GLY A 56 -14.19 7.05 -0.45
N CYS A 57 -12.90 7.23 -0.15
CA CYS A 57 -12.37 6.80 1.14
C CYS A 57 -11.47 7.90 1.72
N ALA A 58 -10.80 8.63 0.83
CA ALA A 58 -9.65 9.47 1.15
C ALA A 58 -9.83 10.41 2.35
N LEU A 59 -11.05 10.81 2.71
CA LEU A 59 -11.21 11.67 3.88
C LEU A 59 -10.97 10.90 5.19
N ALA A 60 -10.50 9.67 5.08
CA ALA A 60 -9.88 8.94 6.18
C ALA A 60 -8.43 8.68 5.80
N PRO A 61 -7.53 8.36 6.74
CA PRO A 61 -6.23 7.85 6.33
C PRO A 61 -6.39 6.41 5.84
N ILE A 62 -6.03 6.17 4.59
CA ILE A 62 -6.16 4.85 4.00
C ILE A 62 -4.81 4.18 3.77
N VAL A 63 -4.68 2.93 4.19
CA VAL A 63 -3.72 2.03 3.58
C VAL A 63 -4.42 0.70 3.43
N MET A 64 -4.55 0.17 2.24
CA MET A 64 -5.23 -1.10 2.12
C MET A 64 -4.26 -2.16 1.68
N VAL A 65 -4.32 -3.33 2.29
CA VAL A 65 -3.76 -4.53 1.69
C VAL A 65 -4.85 -5.56 1.65
N GLY A 66 -5.26 -5.99 0.48
CA GLY A 66 -6.35 -6.92 0.39
C GLY A 66 -7.57 -6.39 1.10
N GLU A 67 -8.48 -7.27 1.39
CA GLU A 67 -9.62 -6.93 2.21
C GLU A 67 -9.19 -6.92 3.68
N LYS A 68 -7.95 -6.50 3.90
CA LYS A 68 -7.33 -6.56 5.21
C LYS A 68 -7.20 -5.15 5.79
N VAL A 69 -7.21 -4.16 4.89
CA VAL A 69 -7.12 -2.70 5.21
C VAL A 69 -6.18 -2.36 6.41
N TYR A 70 -5.03 -1.75 6.10
CA TYR A 70 -4.00 -1.50 7.12
C TYR A 70 -3.72 -0.02 7.35
N GLY A 71 -2.78 0.21 8.25
CA GLY A 71 -2.32 1.53 8.56
C GLY A 71 -0.82 1.53 8.63
N ASN A 72 -0.19 0.96 7.60
CA ASN A 72 1.26 0.95 7.50
C ASN A 72 1.75 2.32 7.01
N VAL A 73 0.76 3.19 6.77
CA VAL A 73 0.97 4.61 6.46
C VAL A 73 1.72 4.80 5.15
N THR A 74 2.18 6.02 4.87
CA THR A 74 2.72 6.32 3.55
C THR A 74 4.03 7.14 3.57
N PRO A 75 4.15 8.24 4.37
CA PRO A 75 5.32 9.13 4.31
C PRO A 75 6.45 8.69 5.24
N GLY A 76 7.29 7.78 4.75
CA GLY A 76 8.47 7.37 5.51
C GLY A 76 8.14 6.38 6.60
N GLN A 77 6.91 6.46 7.09
CA GLN A 77 6.49 5.67 8.25
C GLN A 77 6.24 4.27 7.76
N VAL A 78 6.07 4.22 6.48
CA VAL A 78 5.83 3.02 5.75
C VAL A 78 6.80 1.93 6.17
N LYS A 79 8.08 2.18 6.03
CA LYS A 79 9.09 1.12 6.12
C LYS A 79 9.07 0.47 7.50
N LYS A 80 8.87 1.27 8.52
CA LYS A 80 8.91 0.76 9.86
C LYS A 80 7.54 0.32 10.32
N ILE A 81 6.54 1.01 9.84
CA ILE A 81 5.19 0.56 10.07
C ILE A 81 4.92 -0.66 9.19
N LEU A 82 5.85 -0.94 8.27
CA LEU A 82 5.85 -2.17 7.47
C LEU A 82 5.91 -3.39 8.37
N ALA A 83 6.21 -3.18 9.64
CA ALA A 83 5.94 -4.21 10.65
C ALA A 83 4.48 -4.69 10.53
N GLU A 84 3.63 -3.79 10.00
CA GLU A 84 2.27 -4.13 9.62
C GLU A 84 2.25 -5.11 8.46
N TYR A 85 3.03 -4.78 7.41
CA TYR A 85 3.00 -5.52 6.19
C TYR A 85 4.02 -6.65 6.19
N MET A 1 -0.67 -12.16 -13.89
CA MET A 1 -0.90 -12.29 -12.43
C MET A 1 -1.37 -10.96 -11.86
N VAL A 2 -2.63 -10.90 -11.47
CA VAL A 2 -3.18 -9.67 -10.88
C VAL A 2 -2.88 -9.62 -9.38
N PRO A 3 -3.28 -10.63 -8.59
CA PRO A 3 -2.89 -10.73 -7.19
C PRO A 3 -1.43 -11.13 -7.06
N LYS A 4 -0.61 -10.18 -6.64
CA LYS A 4 0.82 -10.40 -6.48
C LYS A 4 1.05 -11.42 -5.37
N GLY A 5 0.48 -11.13 -4.23
CA GLY A 5 0.52 -12.03 -3.12
C GLY A 5 -0.86 -12.26 -2.56
N LYS A 6 -0.95 -12.26 -1.25
CA LYS A 6 -2.17 -12.52 -0.55
C LYS A 6 -3.05 -11.31 -0.48
N TYR A 7 -2.46 -10.18 -0.10
CA TYR A 7 -3.21 -8.99 0.17
C TYR A 7 -2.94 -7.91 -0.87
N PRO A 8 -3.84 -7.75 -1.86
CA PRO A 8 -3.80 -6.63 -2.81
C PRO A 8 -3.71 -5.28 -2.11
N ILE A 9 -2.49 -4.76 -1.98
CA ILE A 9 -2.30 -3.50 -1.29
C ILE A 9 -2.72 -2.36 -2.19
N SER A 10 -3.75 -1.68 -1.75
CA SER A 10 -4.31 -0.58 -2.51
C SER A 10 -3.68 0.73 -2.08
N VAL A 11 -3.20 1.46 -3.05
CA VAL A 11 -2.40 2.65 -2.78
C VAL A 11 -3.08 3.93 -3.24
N CYS A 12 -3.20 4.89 -2.32
CA CYS A 12 -3.92 6.13 -2.58
C CYS A 12 -3.24 6.96 -3.67
N MET A 13 -3.96 7.13 -4.77
CA MET A 13 -3.56 8.02 -5.86
C MET A 13 -4.71 8.95 -6.24
N GLY A 14 -5.64 9.19 -5.31
CA GLY A 14 -6.90 9.84 -5.67
C GLY A 14 -6.75 11.27 -6.16
N THR A 15 -7.87 11.87 -6.57
CA THR A 15 -7.85 13.20 -7.18
C THR A 15 -7.39 14.28 -6.19
N ALA A 16 -7.95 14.24 -4.99
CA ALA A 16 -7.56 15.16 -3.93
C ALA A 16 -6.17 14.81 -3.42
N CYS A 17 -6.01 13.54 -3.09
CA CYS A 17 -4.82 13.04 -2.43
C CYS A 17 -3.56 13.23 -3.26
N PHE A 18 -3.68 13.11 -4.58
CA PHE A 18 -2.54 13.22 -5.49
C PHE A 18 -1.92 14.62 -5.41
N VAL A 19 -2.76 15.61 -5.13
CA VAL A 19 -2.33 17.00 -5.06
C VAL A 19 -1.51 17.23 -3.79
N LYS A 20 -1.69 16.36 -2.81
CA LYS A 20 -1.04 16.51 -1.50
C LYS A 20 0.38 15.96 -1.51
N GLY A 21 0.92 15.70 -2.70
CA GLY A 21 2.27 15.18 -2.79
C GLY A 21 2.30 13.67 -2.71
N ALA A 22 1.25 13.05 -3.22
CA ALA A 22 1.03 11.62 -3.03
C ALA A 22 2.03 10.79 -3.83
N ASP A 23 2.61 11.39 -4.85
CA ASP A 23 3.58 10.69 -5.68
C ASP A 23 4.71 10.14 -4.82
N LYS A 24 5.27 10.98 -3.98
CA LYS A 24 6.44 10.57 -3.21
C LYS A 24 6.11 9.50 -2.21
N VAL A 25 4.95 9.60 -1.57
CA VAL A 25 4.57 8.65 -0.56
C VAL A 25 4.29 7.30 -1.19
N VAL A 26 3.64 7.30 -2.32
CA VAL A 26 3.40 6.06 -3.02
C VAL A 26 4.73 5.45 -3.48
N HIS A 27 5.69 6.31 -3.85
CA HIS A 27 7.02 5.83 -4.21
C HIS A 27 7.63 5.08 -3.05
N ALA A 28 7.40 5.61 -1.87
CA ALA A 28 7.81 4.96 -0.65
C ALA A 28 7.25 3.55 -0.64
N PHE A 29 5.93 3.45 -0.88
CA PHE A 29 5.23 2.17 -0.97
C PHE A 29 5.95 1.21 -1.92
N LYS A 30 6.29 1.72 -3.09
CA LYS A 30 6.98 0.94 -4.11
C LYS A 30 8.18 0.20 -3.52
N GLU A 31 9.06 0.95 -2.92
CA GLU A 31 10.30 0.40 -2.37
C GLU A 31 10.09 -0.19 -0.99
N GLN A 32 9.03 0.22 -0.36
CA GLN A 32 8.66 -0.28 0.94
C GLN A 32 8.25 -1.74 0.86
N LEU A 33 7.85 -2.18 -0.35
CA LEU A 33 7.70 -3.61 -0.61
C LEU A 33 8.97 -4.26 -0.16
N LYS A 34 10.04 -3.79 -0.80
CA LYS A 34 11.44 -4.11 -0.50
C LYS A 34 11.76 -5.56 -0.82
N ILE A 35 10.71 -6.35 -0.75
CA ILE A 35 10.68 -7.73 -1.14
C ILE A 35 11.74 -8.58 -0.46
N ASP A 36 11.81 -9.81 -0.91
CA ASP A 36 12.62 -10.83 -0.29
C ASP A 36 12.94 -11.85 -1.35
N ILE A 37 11.85 -12.31 -1.96
CA ILE A 37 11.85 -13.30 -3.02
C ILE A 37 10.45 -13.48 -3.56
N GLY A 38 9.62 -12.50 -3.29
CA GLY A 38 8.21 -12.64 -3.51
C GLY A 38 7.53 -11.35 -3.22
N ASP A 39 7.51 -11.07 -1.94
CA ASP A 39 6.91 -9.87 -1.38
C ASP A 39 7.37 -9.70 0.03
N VAL A 40 8.01 -8.57 0.21
CA VAL A 40 8.47 -8.00 1.48
C VAL A 40 9.36 -8.93 2.27
N THR A 41 8.78 -9.99 2.67
CA THR A 41 9.40 -11.00 3.50
C THR A 41 8.60 -12.27 3.47
N PRO A 42 7.32 -12.24 3.89
CA PRO A 42 6.51 -13.43 3.83
C PRO A 42 6.10 -13.85 2.42
N ASP A 43 6.67 -13.22 1.38
CA ASP A 43 6.65 -13.80 0.03
C ASP A 43 5.37 -13.41 -0.67
N GLY A 44 4.41 -12.94 0.10
CA GLY A 44 3.22 -12.42 -0.51
C GLY A 44 2.30 -11.71 0.45
N ARG A 45 2.87 -10.84 1.26
CA ARG A 45 2.09 -9.93 2.07
C ARG A 45 1.48 -8.87 1.18
N PHE A 46 2.22 -8.53 0.15
CA PHE A 46 1.85 -7.49 -0.75
C PHE A 46 1.15 -8.01 -2.00
N SER A 47 0.33 -7.14 -2.56
CA SER A 47 -0.14 -7.25 -3.93
C SER A 47 -0.44 -5.85 -4.40
N ILE A 48 0.62 -5.07 -4.50
CA ILE A 48 0.52 -3.62 -4.69
C ILE A 48 -0.23 -3.25 -5.97
N ASP A 49 -1.39 -2.61 -5.80
CA ASP A 49 -2.06 -1.98 -6.93
C ASP A 49 -3.10 -0.94 -6.50
N THR A 50 -3.16 0.08 -7.32
CA THR A 50 -4.21 1.10 -7.33
C THR A 50 -5.65 0.55 -7.17
N LEU A 51 -5.96 -0.54 -7.87
CA LEU A 51 -7.32 -0.80 -8.38
C LEU A 51 -8.46 -0.70 -7.36
N ARG A 52 -8.28 -1.23 -6.16
CA ARG A 52 -9.30 -1.05 -5.11
C ARG A 52 -9.44 0.42 -4.73
N CYS A 53 -8.30 0.95 -4.33
CA CYS A 53 -8.11 2.30 -3.85
C CYS A 53 -8.35 3.37 -4.93
N VAL A 54 -8.46 4.64 -4.51
CA VAL A 54 -8.93 5.75 -5.35
C VAL A 54 -10.42 5.59 -5.63
N GLY A 55 -11.06 4.90 -4.70
CA GLY A 55 -12.47 4.66 -4.78
C GLY A 55 -13.25 5.32 -3.65
N GLY A 56 -13.26 6.66 -3.59
CA GLY A 56 -14.14 7.30 -2.62
C GLY A 56 -13.83 6.99 -1.15
N CYS A 57 -12.61 7.29 -0.68
CA CYS A 57 -12.12 6.69 0.55
C CYS A 57 -11.52 7.78 1.44
N ALA A 58 -10.99 8.80 0.78
CA ALA A 58 -10.07 9.77 1.37
C ALA A 58 -10.51 10.35 2.72
N LEU A 59 -11.81 10.42 3.03
CA LEU A 59 -12.18 10.98 4.34
C LEU A 59 -11.88 10.00 5.48
N ALA A 60 -11.25 8.88 5.15
CA ALA A 60 -10.51 8.07 6.11
C ALA A 60 -9.06 8.05 5.69
N PRO A 61 -8.09 7.75 6.57
CA PRO A 61 -6.77 7.38 6.10
C PRO A 61 -6.80 5.93 5.59
N ILE A 62 -6.44 5.73 4.34
CA ILE A 62 -6.44 4.38 3.81
C ILE A 62 -5.02 3.85 3.60
N VAL A 63 -4.77 2.64 4.07
CA VAL A 63 -3.67 1.83 3.56
C VAL A 63 -4.21 0.44 3.43
N MET A 64 -4.25 -0.14 2.24
CA MET A 64 -4.93 -1.40 2.12
C MET A 64 -3.96 -2.48 1.71
N VAL A 65 -4.07 -3.66 2.31
CA VAL A 65 -3.60 -4.88 1.69
C VAL A 65 -4.78 -5.83 1.66
N GLY A 66 -5.22 -6.22 0.47
CA GLY A 66 -6.34 -7.13 0.37
C GLY A 66 -7.50 -6.66 1.18
N GLU A 67 -8.35 -7.60 1.52
CA GLU A 67 -9.40 -7.35 2.48
C GLU A 67 -8.82 -7.43 3.88
N LYS A 68 -7.61 -6.89 4.04
CA LYS A 68 -6.93 -6.89 5.31
C LYS A 68 -6.91 -5.46 5.87
N VAL A 69 -6.97 -4.49 4.94
CA VAL A 69 -6.96 -3.02 5.24
C VAL A 69 -6.09 -2.61 6.44
N TYR A 70 -4.99 -1.93 6.13
CA TYR A 70 -3.98 -1.58 7.14
C TYR A 70 -3.79 -0.07 7.29
N GLY A 71 -2.73 0.27 8.02
CA GLY A 71 -2.35 1.62 8.24
C GLY A 71 -0.85 1.73 8.30
N ASN A 72 -0.19 1.08 7.34
CA ASN A 72 1.28 1.10 7.26
C ASN A 72 1.76 2.45 6.72
N VAL A 73 0.78 3.31 6.42
CA VAL A 73 0.97 4.73 6.10
C VAL A 73 1.78 4.95 4.83
N THR A 74 2.25 6.18 4.62
CA THR A 74 2.82 6.58 3.34
C THR A 74 4.11 7.43 3.47
N PRO A 75 4.16 8.47 4.36
CA PRO A 75 5.29 9.41 4.39
C PRO A 75 6.44 8.96 5.29
N GLY A 76 7.25 8.03 4.80
CA GLY A 76 8.43 7.60 5.53
C GLY A 76 8.12 6.64 6.66
N GLN A 77 6.89 6.71 7.15
CA GLN A 77 6.48 5.95 8.33
C GLN A 77 6.33 4.52 7.89
N VAL A 78 6.15 4.44 6.60
CA VAL A 78 5.95 3.23 5.88
C VAL A 78 6.90 2.14 6.33
N LYS A 79 8.20 2.40 6.27
CA LYS A 79 9.19 1.36 6.41
C LYS A 79 9.00 0.62 7.73
N LYS A 80 8.75 1.40 8.73
CA LYS A 80 8.68 0.90 10.09
C LYS A 80 7.31 0.39 10.36
N ILE A 81 6.35 1.13 9.92
CA ILE A 81 4.97 0.72 10.04
C ILE A 81 4.73 -0.50 9.14
N LEU A 82 5.67 -0.77 8.23
CA LEU A 82 5.70 -2.00 7.42
C LEU A 82 5.79 -3.22 8.32
N ALA A 83 6.09 -3.00 9.60
CA ALA A 83 5.84 -4.04 10.60
C ALA A 83 4.39 -4.53 10.50
N GLU A 84 3.52 -3.64 10.01
CA GLU A 84 2.16 -3.98 9.63
C GLU A 84 2.17 -4.99 8.52
N TYR A 85 2.91 -4.67 7.48
CA TYR A 85 2.90 -5.41 6.26
C TYR A 85 3.89 -6.57 6.28
N MET A 1 -8.66 -17.06 11.37
CA MET A 1 -8.92 -17.13 9.92
C MET A 1 -7.85 -17.96 9.23
N VAL A 2 -8.10 -18.33 7.98
CA VAL A 2 -7.13 -19.08 7.20
C VAL A 2 -5.94 -18.19 6.85
N PRO A 3 -4.71 -18.65 7.15
CA PRO A 3 -3.48 -17.90 6.89
C PRO A 3 -3.33 -17.56 5.40
N LYS A 4 -3.44 -16.27 5.10
CA LYS A 4 -3.28 -15.79 3.74
C LYS A 4 -1.90 -15.20 3.56
N GLY A 5 -1.78 -13.91 3.82
CA GLY A 5 -0.48 -13.29 3.85
C GLY A 5 -0.03 -12.85 2.49
N LYS A 6 -0.97 -12.39 1.69
CA LYS A 6 -0.68 -11.90 0.34
C LYS A 6 -1.63 -10.76 -0.03
N TYR A 7 -1.78 -9.87 0.91
CA TYR A 7 -2.71 -8.77 0.86
C TYR A 7 -2.57 -7.87 -0.35
N PRO A 8 -3.59 -7.87 -1.23
CA PRO A 8 -3.74 -6.87 -2.29
C PRO A 8 -3.75 -5.45 -1.74
N ILE A 9 -2.59 -4.82 -1.64
CA ILE A 9 -2.48 -3.50 -1.07
C ILE A 9 -2.93 -2.44 -2.08
N SER A 10 -3.96 -1.72 -1.69
CA SER A 10 -4.61 -0.76 -2.55
C SER A 10 -4.16 0.67 -2.25
N VAL A 11 -3.48 1.28 -3.21
CA VAL A 11 -2.95 2.62 -3.03
C VAL A 11 -3.57 3.59 -4.05
N CYS A 12 -4.20 4.67 -3.59
CA CYS A 12 -4.76 5.64 -4.51
C CYS A 12 -3.68 6.38 -5.28
N MET A 13 -3.72 6.27 -6.60
CA MET A 13 -2.93 7.11 -7.48
C MET A 13 -3.84 7.82 -8.47
N GLY A 14 -5.12 7.97 -8.10
CA GLY A 14 -6.11 8.53 -9.00
C GLY A 14 -5.86 9.99 -9.33
N THR A 15 -6.72 10.58 -10.16
CA THR A 15 -6.49 11.93 -10.66
C THR A 15 -6.52 12.98 -9.55
N ALA A 16 -7.50 12.88 -8.67
CA ALA A 16 -7.69 13.86 -7.62
C ALA A 16 -6.60 13.77 -6.55
N CYS A 17 -6.46 12.59 -5.96
CA CYS A 17 -5.58 12.40 -4.81
C CYS A 17 -4.10 12.58 -5.20
N PHE A 18 -3.75 12.20 -6.42
CA PHE A 18 -2.36 12.22 -6.90
C PHE A 18 -1.74 13.63 -6.86
N VAL A 19 -2.56 14.65 -7.04
CA VAL A 19 -2.07 16.02 -7.20
C VAL A 19 -1.45 16.56 -5.92
N LYS A 20 -1.78 15.94 -4.79
CA LYS A 20 -1.33 16.41 -3.49
C LYS A 20 0.11 15.96 -3.22
N GLY A 21 0.79 15.46 -4.26
CA GLY A 21 2.18 15.04 -4.11
C GLY A 21 2.27 13.60 -3.65
N ALA A 22 1.27 12.82 -4.00
CA ALA A 22 1.15 11.47 -3.48
C ALA A 22 2.19 10.56 -4.09
N ASP A 23 2.73 10.96 -5.24
CA ASP A 23 3.72 10.15 -5.94
C ASP A 23 4.88 9.79 -5.01
N LYS A 24 5.45 10.78 -4.34
CA LYS A 24 6.66 10.53 -3.57
C LYS A 24 6.39 9.62 -2.39
N VAL A 25 5.26 9.82 -1.73
CA VAL A 25 4.90 9.02 -0.61
C VAL A 25 4.57 7.60 -1.04
N VAL A 26 3.83 7.47 -2.12
CA VAL A 26 3.56 6.14 -2.63
C VAL A 26 4.86 5.49 -3.13
N HIS A 27 5.82 6.32 -3.59
CA HIS A 27 7.13 5.81 -3.98
C HIS A 27 7.78 5.10 -2.81
N ALA A 28 7.62 5.70 -1.64
CA ALA A 28 8.09 5.10 -0.41
C ALA A 28 7.48 3.71 -0.25
N PHE A 29 6.18 3.61 -0.50
CA PHE A 29 5.48 2.33 -0.51
C PHE A 29 6.19 1.35 -1.45
N LYS A 30 6.45 1.82 -2.67
CA LYS A 30 7.11 1.02 -3.69
C LYS A 30 8.40 0.39 -3.17
N GLU A 31 9.23 1.22 -2.57
CA GLU A 31 10.54 0.77 -2.12
C GLU A 31 10.43 0.05 -0.81
N GLN A 32 9.40 0.35 -0.05
CA GLN A 32 9.14 -0.33 1.19
C GLN A 32 8.87 -1.79 0.91
N LEU A 33 8.23 -2.07 -0.25
CA LEU A 33 8.05 -3.42 -0.71
C LEU A 33 9.35 -4.13 -0.55
N LYS A 34 10.34 -3.55 -1.21
CA LYS A 34 11.77 -3.91 -1.10
C LYS A 34 12.05 -5.30 -1.60
N ILE A 35 11.01 -6.10 -1.57
CA ILE A 35 10.92 -7.39 -2.18
C ILE A 35 12.03 -8.35 -1.78
N ASP A 36 12.01 -9.50 -2.41
CA ASP A 36 12.90 -10.59 -2.10
C ASP A 36 13.03 -11.45 -3.34
N ILE A 37 11.85 -11.74 -3.89
CA ILE A 37 11.71 -12.53 -5.11
C ILE A 37 10.27 -12.53 -5.58
N GLY A 38 9.50 -11.62 -5.06
CA GLY A 38 8.08 -11.68 -5.27
C GLY A 38 7.43 -10.48 -4.65
N ASP A 39 7.51 -10.47 -3.34
CA ASP A 39 6.95 -9.42 -2.51
C ASP A 39 7.50 -9.50 -1.14
N VAL A 40 8.19 -8.41 -0.82
CA VAL A 40 8.72 -8.06 0.49
C VAL A 40 9.66 -9.09 1.06
N THR A 41 9.08 -10.20 1.30
CA THR A 41 9.78 -11.32 1.91
C THR A 41 9.09 -12.61 1.59
N PRO A 42 7.83 -12.79 1.98
CA PRO A 42 7.15 -14.02 1.70
C PRO A 42 6.81 -14.21 0.23
N ASP A 43 7.22 -13.26 -0.65
CA ASP A 43 7.20 -13.50 -2.10
C ASP A 43 5.79 -13.23 -2.58
N GLY A 44 5.01 -12.77 -1.63
CA GLY A 44 3.68 -12.36 -1.88
C GLY A 44 2.94 -12.15 -0.60
N ARG A 45 3.44 -11.20 0.17
CA ARG A 45 2.73 -10.65 1.31
C ARG A 45 1.99 -9.46 0.82
N PHE A 46 2.66 -8.84 -0.12
CA PHE A 46 2.18 -7.72 -0.85
C PHE A 46 1.40 -8.19 -2.09
N SER A 47 0.46 -7.36 -2.53
CA SER A 47 -0.12 -7.46 -3.85
C SER A 47 -0.60 -6.08 -4.24
N ILE A 48 0.35 -5.17 -4.46
CA ILE A 48 0.06 -3.75 -4.61
C ILE A 48 -0.68 -3.45 -5.91
N ASP A 49 -1.83 -2.84 -5.76
CA ASP A 49 -2.49 -2.19 -6.89
C ASP A 49 -3.46 -1.10 -6.41
N THR A 50 -3.42 -0.01 -7.15
CA THR A 50 -4.39 1.08 -7.07
C THR A 50 -5.86 0.66 -6.96
N LEU A 51 -6.26 -0.29 -7.81
CA LEU A 51 -7.66 -0.39 -8.29
C LEU A 51 -8.74 -0.44 -7.20
N ARG A 52 -8.51 -1.15 -6.10
CA ARG A 52 -9.52 -1.24 -5.05
C ARG A 52 -9.78 0.14 -4.45
N CYS A 53 -8.70 0.71 -3.97
CA CYS A 53 -8.64 2.08 -3.47
C CYS A 53 -8.88 3.07 -4.63
N VAL A 54 -9.11 4.35 -4.31
CA VAL A 54 -9.77 5.35 -5.19
C VAL A 54 -11.27 5.05 -5.29
N GLY A 55 -11.76 4.42 -4.24
CA GLY A 55 -13.13 4.04 -4.15
C GLY A 55 -13.90 4.80 -3.09
N GLY A 56 -14.04 6.13 -3.25
CA GLY A 56 -14.90 6.87 -2.34
C GLY A 56 -14.45 6.89 -0.88
N CYS A 57 -13.23 7.36 -0.59
CA CYS A 57 -12.60 7.04 0.69
C CYS A 57 -11.98 8.30 1.29
N ALA A 58 -11.51 9.18 0.40
CA ALA A 58 -10.54 10.23 0.72
C ALA A 58 -10.84 11.08 1.95
N LEU A 59 -12.09 11.26 2.36
CA LEU A 59 -12.33 12.01 3.59
C LEU A 59 -11.97 11.20 4.85
N ALA A 60 -11.43 10.00 4.64
CA ALA A 60 -10.65 9.29 5.64
C ALA A 60 -9.25 9.07 5.10
N PRO A 61 -8.24 8.80 5.93
CA PRO A 61 -7.02 8.21 5.40
C PRO A 61 -7.23 6.70 5.19
N ILE A 62 -7.09 6.26 3.95
CA ILE A 62 -7.20 4.84 3.64
C ILE A 62 -5.86 4.24 3.24
N VAL A 63 -5.52 3.09 3.78
CA VAL A 63 -4.46 2.29 3.21
C VAL A 63 -4.93 0.84 3.20
N MET A 64 -4.95 0.18 2.07
CA MET A 64 -5.48 -1.16 2.08
C MET A 64 -4.42 -2.17 1.76
N VAL A 65 -4.43 -3.27 2.50
CA VAL A 65 -3.82 -4.49 2.06
C VAL A 65 -4.88 -5.57 2.12
N GLY A 66 -5.24 -6.12 0.99
CA GLY A 66 -6.25 -7.14 0.95
C GLY A 66 -7.45 -6.79 1.78
N GLU A 67 -8.00 -7.81 2.37
CA GLU A 67 -9.12 -7.69 3.27
C GLU A 67 -8.61 -7.32 4.66
N LYS A 68 -7.47 -6.64 4.70
CA LYS A 68 -6.85 -6.28 5.95
C LYS A 68 -6.99 -4.79 6.23
N VAL A 69 -7.18 -4.01 5.14
CA VAL A 69 -7.31 -2.54 5.21
C VAL A 69 -6.46 -1.89 6.33
N TYR A 70 -5.22 -1.56 5.99
CA TYR A 70 -4.25 -1.07 6.98
C TYR A 70 -4.08 0.44 7.01
N GLY A 71 -3.05 0.83 7.72
CA GLY A 71 -2.62 2.20 7.75
C GLY A 71 -1.13 2.28 7.59
N ASN A 72 -0.61 1.71 6.51
CA ASN A 72 0.82 1.80 6.21
C ASN A 72 1.10 3.11 5.46
N VAL A 73 0.38 4.13 5.92
CA VAL A 73 0.75 5.53 5.79
C VAL A 73 1.19 5.93 4.37
N THR A 74 1.90 7.04 4.22
CA THR A 74 2.48 7.41 2.95
C THR A 74 3.95 7.90 3.06
N PRO A 75 4.33 8.78 4.03
CA PRO A 75 5.65 9.42 4.03
C PRO A 75 6.80 8.50 4.48
N GLY A 76 7.01 8.40 5.79
CA GLY A 76 8.12 7.61 6.30
C GLY A 76 7.69 6.64 7.36
N GLN A 77 6.39 6.66 7.66
CA GLN A 77 5.86 5.80 8.71
C GLN A 77 5.65 4.44 8.09
N VAL A 78 5.73 4.49 6.77
CA VAL A 78 5.60 3.36 5.91
C VAL A 78 6.52 2.24 6.36
N LYS A 79 7.75 2.64 6.62
CA LYS A 79 8.86 1.71 6.80
C LYS A 79 8.53 0.75 7.92
N LYS A 80 7.99 1.32 8.97
CA LYS A 80 7.69 0.61 10.18
C LYS A 80 6.42 -0.18 10.01
N ILE A 81 5.46 0.45 9.38
CA ILE A 81 4.22 -0.25 9.10
C ILE A 81 4.45 -1.33 8.04
N LEU A 82 5.57 -1.25 7.33
CA LEU A 82 5.99 -2.34 6.45
C LEU A 82 6.14 -3.63 7.24
N ALA A 83 6.66 -3.53 8.46
CA ALA A 83 6.69 -4.68 9.36
C ALA A 83 5.26 -5.20 9.57
N GLU A 84 4.33 -4.27 9.57
CA GLU A 84 2.90 -4.57 9.64
C GLU A 84 2.40 -5.26 8.37
N TYR A 85 3.01 -4.94 7.23
CA TYR A 85 2.60 -5.48 5.97
C TYR A 85 3.18 -6.87 5.75
N MET A 1 -8.00 -15.29 13.40
CA MET A 1 -6.88 -16.04 12.79
C MET A 1 -7.35 -16.78 11.54
N VAL A 2 -7.57 -16.04 10.48
CA VAL A 2 -8.02 -16.62 9.23
C VAL A 2 -6.92 -16.50 8.17
N PRO A 3 -6.55 -17.64 7.56
CA PRO A 3 -5.50 -17.69 6.53
C PRO A 3 -5.86 -16.88 5.27
N LYS A 4 -5.36 -15.67 5.21
CA LYS A 4 -5.53 -14.82 4.04
C LYS A 4 -4.24 -14.83 3.22
N GLY A 5 -3.42 -13.83 3.46
CA GLY A 5 -2.13 -13.75 2.79
C GLY A 5 -2.20 -12.93 1.53
N LYS A 6 -1.02 -12.59 1.00
CA LYS A 6 -0.88 -11.79 -0.24
C LYS A 6 -1.95 -10.71 -0.38
N TYR A 7 -2.16 -9.99 0.72
CA TYR A 7 -3.06 -8.86 0.80
C TYR A 7 -2.96 -7.94 -0.40
N PRO A 8 -3.97 -7.95 -1.26
CA PRO A 8 -4.10 -7.00 -2.36
C PRO A 8 -4.08 -5.57 -1.85
N ILE A 9 -2.92 -4.96 -1.83
CA ILE A 9 -2.80 -3.61 -1.32
C ILE A 9 -3.22 -2.61 -2.38
N SER A 10 -4.21 -1.81 -2.04
CA SER A 10 -4.85 -0.90 -2.96
C SER A 10 -4.42 0.54 -2.70
N VAL A 11 -3.94 1.21 -3.73
CA VAL A 11 -3.45 2.58 -3.62
C VAL A 11 -4.27 3.57 -4.47
N CYS A 12 -4.81 4.60 -3.84
CA CYS A 12 -5.52 5.64 -4.59
C CYS A 12 -4.56 6.44 -5.46
N MET A 13 -4.86 6.48 -6.74
CA MET A 13 -4.15 7.33 -7.67
C MET A 13 -5.13 8.30 -8.32
N GLY A 14 -6.25 8.55 -7.62
CA GLY A 14 -7.27 9.44 -8.13
C GLY A 14 -6.81 10.88 -8.16
N THR A 15 -7.66 11.77 -8.66
CA THR A 15 -7.30 13.17 -8.80
C THR A 15 -7.13 13.85 -7.45
N ALA A 16 -8.06 13.61 -6.54
CA ALA A 16 -8.11 14.31 -5.26
C ALA A 16 -6.97 13.89 -4.34
N CYS A 17 -6.89 12.60 -4.07
CA CYS A 17 -5.95 12.06 -3.10
C CYS A 17 -4.50 12.28 -3.55
N PHE A 18 -4.29 12.26 -4.86
CA PHE A 18 -2.96 12.43 -5.46
C PHE A 18 -2.34 13.80 -5.10
N VAL A 19 -3.20 14.78 -4.88
CA VAL A 19 -2.78 16.17 -4.67
C VAL A 19 -2.04 16.32 -3.34
N LYS A 20 -2.29 15.40 -2.43
CA LYS A 20 -1.72 15.47 -1.08
C LYS A 20 -0.29 14.95 -1.05
N GLY A 21 0.30 14.76 -2.23
CA GLY A 21 1.67 14.27 -2.30
C GLY A 21 1.71 12.78 -2.30
N ALA A 22 0.67 12.16 -2.85
CA ALA A 22 0.51 10.71 -2.75
C ALA A 22 1.54 10.00 -3.60
N ASP A 23 2.07 10.71 -4.58
CA ASP A 23 3.11 10.13 -5.44
C ASP A 23 4.31 9.71 -4.60
N LYS A 24 4.87 10.61 -3.81
CA LYS A 24 6.03 10.27 -3.00
C LYS A 24 5.62 9.29 -1.91
N VAL A 25 4.37 9.37 -1.51
CA VAL A 25 3.81 8.46 -0.52
C VAL A 25 3.93 7.04 -1.04
N VAL A 26 3.34 6.80 -2.20
CA VAL A 26 3.35 5.47 -2.76
C VAL A 26 4.78 5.08 -3.11
N HIS A 27 5.60 6.08 -3.46
CA HIS A 27 6.99 5.83 -3.83
C HIS A 27 7.72 5.17 -2.69
N ALA A 28 7.48 5.69 -1.49
CA ALA A 28 8.07 5.14 -0.29
C ALA A 28 7.75 3.66 -0.20
N PHE A 29 6.47 3.34 -0.45
CA PHE A 29 6.00 1.96 -0.50
C PHE A 29 6.82 1.18 -1.52
N LYS A 30 6.89 1.70 -2.71
CA LYS A 30 7.58 1.02 -3.80
C LYS A 30 8.95 0.56 -3.37
N GLU A 31 9.68 1.45 -2.74
CA GLU A 31 11.06 1.17 -2.38
C GLU A 31 11.16 0.39 -1.09
N GLN A 32 10.26 0.66 -0.15
CA GLN A 32 10.23 -0.05 1.10
C GLN A 32 9.96 -1.52 0.85
N LEU A 33 9.29 -1.80 -0.28
CA LEU A 33 9.09 -3.14 -0.71
C LEU A 33 10.44 -3.77 -0.84
N LYS A 34 11.23 -3.16 -1.74
CA LYS A 34 12.65 -3.49 -1.96
C LYS A 34 12.79 -4.86 -2.55
N ILE A 35 11.74 -5.61 -2.35
CA ILE A 35 11.58 -6.96 -2.79
C ILE A 35 12.64 -7.89 -2.27
N ASP A 36 12.14 -8.92 -1.67
CA ASP A 36 12.94 -9.97 -1.09
C ASP A 36 13.24 -10.97 -2.17
N ILE A 37 12.18 -11.29 -2.87
CA ILE A 37 12.19 -12.30 -3.94
C ILE A 37 10.90 -12.25 -4.75
N GLY A 38 10.01 -11.37 -4.36
CA GLY A 38 8.65 -11.46 -4.81
C GLY A 38 7.79 -10.45 -4.11
N ASP A 39 8.17 -10.19 -2.88
CA ASP A 39 7.34 -9.42 -2.00
C ASP A 39 8.18 -8.57 -1.08
N VAL A 40 7.56 -8.10 -0.02
CA VAL A 40 8.21 -7.31 1.01
C VAL A 40 9.23 -8.18 1.66
N THR A 41 8.85 -9.41 1.63
CA THR A 41 9.58 -10.50 2.22
C THR A 41 9.02 -11.85 1.77
N PRO A 42 7.77 -12.16 2.14
CA PRO A 42 7.28 -13.51 2.05
C PRO A 42 6.97 -14.00 0.63
N ASP A 43 7.05 -13.12 -0.38
CA ASP A 43 6.86 -13.55 -1.77
C ASP A 43 5.39 -13.80 -1.99
N GLY A 44 4.62 -13.28 -1.04
CA GLY A 44 3.20 -13.35 -1.12
C GLY A 44 2.56 -12.76 0.10
N ARG A 45 2.72 -11.46 0.22
CA ARG A 45 2.26 -10.70 1.35
C ARG A 45 1.56 -9.47 0.82
N PHE A 46 2.29 -8.75 0.01
CA PHE A 46 1.79 -7.57 -0.64
C PHE A 46 1.44 -7.90 -2.10
N SER A 47 0.42 -7.23 -2.61
CA SER A 47 0.06 -7.32 -4.03
C SER A 47 -0.69 -6.06 -4.43
N ILE A 48 0.03 -5.08 -5.00
CA ILE A 48 -0.53 -3.74 -5.16
C ILE A 48 -1.31 -3.58 -6.45
N ASP A 49 -2.45 -2.91 -6.33
CA ASP A 49 -3.08 -2.27 -7.47
C ASP A 49 -4.02 -1.16 -7.01
N THR A 50 -3.95 -0.05 -7.75
CA THR A 50 -4.93 1.03 -7.72
C THR A 50 -6.39 0.55 -7.77
N LEU A 51 -6.70 -0.39 -8.65
CA LEU A 51 -8.07 -0.54 -9.19
C LEU A 51 -9.18 -0.69 -8.14
N ARG A 52 -8.93 -1.41 -7.06
CA ARG A 52 -9.92 -1.51 -5.97
C ARG A 52 -10.15 -0.13 -5.37
N CYS A 53 -9.04 0.42 -4.92
CA CYS A 53 -8.94 1.70 -4.24
C CYS A 53 -9.30 2.86 -5.18
N VAL A 54 -9.50 4.06 -4.60
CA VAL A 54 -10.24 5.20 -5.19
C VAL A 54 -11.72 4.88 -5.23
N GLY A 55 -12.09 4.00 -4.31
CA GLY A 55 -13.45 3.53 -4.21
C GLY A 55 -14.13 4.00 -2.94
N GLY A 56 -14.35 5.32 -2.82
CA GLY A 56 -15.12 5.82 -1.68
C GLY A 56 -14.48 5.62 -0.31
N CYS A 57 -13.25 6.12 -0.11
CA CYS A 57 -12.50 5.79 1.11
C CYS A 57 -11.85 7.07 1.63
N ALA A 58 -11.51 7.95 0.69
CA ALA A 58 -10.59 9.08 0.89
C ALA A 58 -10.84 9.93 2.12
N LEU A 59 -12.07 10.00 2.65
CA LEU A 59 -12.28 10.80 3.86
C LEU A 59 -11.70 10.10 5.11
N ALA A 60 -10.98 9.01 4.90
CA ALA A 60 -10.03 8.48 5.86
C ALA A 60 -8.63 8.52 5.23
N PRO A 61 -7.53 8.45 6.00
CA PRO A 61 -6.24 8.18 5.38
C PRO A 61 -6.18 6.71 5.00
N ILE A 62 -6.03 6.42 3.71
CA ILE A 62 -6.12 5.05 3.23
C ILE A 62 -4.80 4.48 2.75
N VAL A 63 -4.46 3.28 3.21
CA VAL A 63 -3.71 2.33 2.41
C VAL A 63 -4.23 0.95 2.74
N MET A 64 -4.71 0.21 1.77
CA MET A 64 -5.36 -1.04 2.11
C MET A 64 -4.51 -2.19 1.64
N VAL A 65 -4.39 -3.23 2.45
CA VAL A 65 -3.83 -4.49 1.98
C VAL A 65 -4.90 -5.53 2.14
N GLY A 66 -5.39 -6.07 1.05
CA GLY A 66 -6.46 -7.01 1.13
C GLY A 66 -7.59 -6.50 2.00
N GLU A 67 -8.28 -7.44 2.55
CA GLU A 67 -9.31 -7.17 3.55
C GLU A 67 -8.64 -6.90 4.90
N LYS A 68 -7.49 -6.23 4.86
CA LYS A 68 -6.73 -5.97 6.07
C LYS A 68 -6.69 -4.47 6.39
N VAL A 69 -6.81 -3.62 5.35
CA VAL A 69 -6.78 -2.12 5.46
C VAL A 69 -5.75 -1.56 6.50
N TYR A 70 -4.66 -0.94 6.01
CA TYR A 70 -3.57 -0.49 6.90
C TYR A 70 -3.29 1.01 6.80
N GLY A 71 -2.18 1.40 7.43
CA GLY A 71 -1.70 2.76 7.39
C GLY A 71 -0.25 2.81 6.95
N ASN A 72 0.21 1.76 6.29
CA ASN A 72 1.57 1.71 5.75
C ASN A 72 1.69 2.61 4.52
N VAL A 73 2.10 3.87 4.75
CA VAL A 73 2.31 4.84 3.66
C VAL A 73 2.95 6.11 4.19
N THR A 74 2.94 7.14 3.33
CA THR A 74 3.37 8.50 3.63
C THR A 74 4.75 8.54 4.27
N PRO A 75 5.78 8.93 3.48
CA PRO A 75 7.19 8.92 3.85
C PRO A 75 7.42 8.97 5.35
N GLY A 76 7.47 7.80 5.95
CA GLY A 76 7.49 7.70 7.38
C GLY A 76 6.80 6.45 7.89
N GLN A 77 5.50 6.29 7.61
CA GLN A 77 4.71 5.27 8.31
C GLN A 77 5.08 3.95 7.72
N VAL A 78 5.41 4.04 6.47
CA VAL A 78 5.71 2.91 5.65
C VAL A 78 6.68 1.98 6.32
N LYS A 79 7.80 2.52 6.80
CA LYS A 79 8.91 1.69 7.21
C LYS A 79 8.44 0.75 8.27
N LYS A 80 7.76 1.34 9.23
CA LYS A 80 7.33 0.65 10.41
C LYS A 80 6.10 -0.18 10.13
N ILE A 81 5.17 0.39 9.38
CA ILE A 81 3.96 -0.32 9.06
C ILE A 81 4.25 -1.43 8.05
N LEU A 82 5.41 -1.37 7.41
CA LEU A 82 5.89 -2.48 6.61
C LEU A 82 6.05 -3.72 7.47
N ALA A 83 6.54 -3.54 8.69
CA ALA A 83 6.57 -4.64 9.64
C ALA A 83 5.16 -5.17 9.83
N GLU A 84 4.21 -4.25 9.72
CA GLU A 84 2.79 -4.59 9.75
C GLU A 84 2.36 -5.26 8.45
N TYR A 85 2.99 -4.90 7.34
CA TYR A 85 2.65 -5.45 6.07
C TYR A 85 3.27 -6.83 5.90
N MET A 1 -13.62 -13.50 -5.25
CA MET A 1 -12.63 -12.55 -4.69
C MET A 1 -11.23 -12.93 -5.14
N VAL A 2 -10.59 -12.02 -5.86
CA VAL A 2 -9.28 -12.29 -6.44
C VAL A 2 -8.18 -12.36 -5.38
N PRO A 3 -7.54 -13.54 -5.23
CA PRO A 3 -6.42 -13.73 -4.33
C PRO A 3 -5.11 -13.32 -5.00
N LYS A 4 -4.96 -12.02 -5.22
CA LYS A 4 -3.76 -11.46 -5.83
C LYS A 4 -2.53 -11.97 -5.09
N GLY A 5 -2.53 -11.68 -3.82
CA GLY A 5 -1.56 -12.25 -2.91
C GLY A 5 -2.21 -12.46 -1.57
N LYS A 6 -1.43 -12.52 -0.51
CA LYS A 6 -1.98 -12.60 0.81
C LYS A 6 -2.71 -11.31 1.14
N TYR A 7 -2.07 -10.19 0.83
CA TYR A 7 -2.65 -8.90 1.10
C TYR A 7 -2.58 -8.02 -0.14
N PRO A 8 -3.53 -8.22 -1.07
CA PRO A 8 -3.68 -7.38 -2.26
C PRO A 8 -3.73 -5.90 -1.91
N ILE A 9 -2.66 -5.18 -2.21
CA ILE A 9 -2.52 -3.81 -1.80
C ILE A 9 -3.27 -2.87 -2.72
N SER A 10 -4.05 -1.99 -2.13
CA SER A 10 -4.74 -0.98 -2.92
C SER A 10 -3.91 0.29 -2.94
N VAL A 11 -3.72 0.84 -4.11
CA VAL A 11 -2.96 2.06 -4.23
C VAL A 11 -3.84 3.20 -4.72
N CYS A 12 -3.96 4.22 -3.89
CA CYS A 12 -4.78 5.37 -4.23
C CYS A 12 -4.17 6.18 -5.34
N MET A 13 -4.93 6.33 -6.41
CA MET A 13 -4.67 7.36 -7.40
C MET A 13 -5.91 8.23 -7.50
N GLY A 14 -6.73 8.17 -6.44
CA GLY A 14 -7.95 8.93 -6.38
C GLY A 14 -7.73 10.41 -6.20
N THR A 15 -8.81 11.15 -6.15
CA THR A 15 -8.76 12.60 -5.93
C THR A 15 -8.30 12.94 -4.51
N ALA A 16 -8.86 12.24 -3.51
CA ALA A 16 -8.72 12.63 -2.12
C ALA A 16 -7.30 12.48 -1.58
N CYS A 17 -6.78 11.26 -1.63
CA CYS A 17 -5.45 10.98 -1.08
C CYS A 17 -4.37 11.73 -1.85
N PHE A 18 -4.57 11.90 -3.16
CA PHE A 18 -3.58 12.53 -4.04
C PHE A 18 -3.30 13.96 -3.60
N VAL A 19 -4.30 14.62 -3.05
CA VAL A 19 -4.14 15.99 -2.56
C VAL A 19 -3.30 15.99 -1.26
N LYS A 20 -3.33 14.86 -0.57
CA LYS A 20 -2.66 14.72 0.71
C LYS A 20 -1.18 14.33 0.51
N GLY A 21 -0.70 14.37 -0.74
CA GLY A 21 0.69 14.05 -1.00
C GLY A 21 0.92 12.56 -1.18
N ALA A 22 -0.07 11.88 -1.74
CA ALA A 22 -0.05 10.42 -1.80
C ALA A 22 0.97 9.91 -2.80
N ASP A 23 1.37 10.75 -3.75
CA ASP A 23 2.37 10.31 -4.72
C ASP A 23 3.68 9.97 -4.02
N LYS A 24 4.07 10.78 -3.04
CA LYS A 24 5.27 10.49 -2.27
C LYS A 24 5.06 9.23 -1.46
N VAL A 25 3.83 9.08 -0.98
CA VAL A 25 3.44 7.91 -0.23
C VAL A 25 3.71 6.67 -1.04
N VAL A 26 3.17 6.64 -2.24
CA VAL A 26 3.27 5.46 -3.06
C VAL A 26 4.73 5.15 -3.39
N HIS A 27 5.56 6.19 -3.57
CA HIS A 27 6.96 5.95 -3.87
C HIS A 27 7.60 5.18 -2.74
N ALA A 28 7.35 5.65 -1.54
CA ALA A 28 7.83 4.98 -0.35
C ALA A 28 7.31 3.56 -0.38
N PHE A 29 6.02 3.43 -0.68
CA PHE A 29 5.34 2.14 -0.74
C PHE A 29 6.07 1.21 -1.69
N LYS A 30 6.37 1.75 -2.87
CA LYS A 30 7.06 1.01 -3.91
C LYS A 30 8.29 0.31 -3.37
N GLU A 31 9.15 1.08 -2.77
CA GLU A 31 10.44 0.57 -2.30
C GLU A 31 10.34 0.00 -0.89
N GLN A 32 9.29 0.38 -0.18
CA GLN A 32 9.02 -0.18 1.12
C GLN A 32 8.62 -1.63 0.96
N LEU A 33 8.17 -1.99 -0.24
CA LEU A 33 7.99 -3.38 -0.59
C LEU A 33 9.26 -4.07 -0.20
N LYS A 34 10.33 -3.59 -0.81
CA LYS A 34 11.73 -3.93 -0.51
C LYS A 34 12.04 -5.38 -0.80
N ILE A 35 10.99 -6.17 -0.76
CA ILE A 35 10.91 -7.52 -1.25
C ILE A 35 11.92 -8.46 -0.62
N ASP A 36 11.92 -9.65 -1.15
CA ASP A 36 12.79 -10.72 -0.70
C ASP A 36 13.10 -11.53 -1.93
N ILE A 37 12.02 -11.94 -2.59
CA ILE A 37 12.05 -12.62 -3.88
C ILE A 37 10.64 -12.75 -4.42
N GLY A 38 9.78 -11.90 -3.92
CA GLY A 38 8.39 -11.98 -4.26
C GLY A 38 7.72 -10.72 -3.85
N ASP A 39 7.67 -10.54 -2.54
CA ASP A 39 7.01 -9.42 -1.90
C ASP A 39 7.33 -9.39 -0.45
N VAL A 40 8.00 -8.30 -0.10
CA VAL A 40 8.37 -7.90 1.26
C VAL A 40 9.20 -8.93 1.97
N THR A 41 8.58 -10.02 2.17
CA THR A 41 9.19 -11.14 2.90
C THR A 41 8.50 -12.45 2.59
N PRO A 42 7.18 -12.56 2.78
CA PRO A 42 6.49 -13.78 2.44
C PRO A 42 6.36 -13.98 0.94
N ASP A 43 6.82 -12.99 0.15
CA ASP A 43 6.97 -13.18 -1.29
C ASP A 43 5.62 -13.13 -1.93
N GLY A 44 4.72 -12.56 -1.17
CA GLY A 44 3.45 -12.17 -1.68
C GLY A 44 2.54 -11.73 -0.57
N ARG A 45 3.12 -11.04 0.39
CA ARG A 45 2.35 -10.36 1.40
C ARG A 45 1.75 -9.16 0.74
N PHE A 46 2.54 -8.64 -0.17
CA PHE A 46 2.16 -7.57 -1.05
C PHE A 46 1.54 -8.14 -2.33
N SER A 47 0.61 -7.40 -2.94
CA SER A 47 0.13 -7.69 -4.29
C SER A 47 -0.70 -6.51 -4.81
N ILE A 48 -0.08 -5.69 -5.64
CA ILE A 48 -0.65 -4.38 -6.03
C ILE A 48 -1.94 -4.49 -6.85
N ASP A 49 -2.92 -3.65 -6.51
CA ASP A 49 -3.94 -3.26 -7.50
C ASP A 49 -4.67 -1.97 -7.12
N THR A 50 -4.81 -1.12 -8.14
CA THR A 50 -5.79 -0.02 -8.22
C THR A 50 -7.22 -0.40 -7.81
N LEU A 51 -7.63 -1.60 -8.25
CA LEU A 51 -9.05 -2.00 -8.39
C LEU A 51 -9.91 -1.77 -7.14
N ARG A 52 -9.31 -1.84 -5.97
CA ARG A 52 -10.01 -1.59 -4.71
C ARG A 52 -10.69 -0.22 -4.73
N CYS A 53 -9.94 0.78 -5.15
CA CYS A 53 -10.33 2.19 -5.06
C CYS A 53 -11.64 2.51 -5.79
N VAL A 54 -12.25 3.65 -5.40
CA VAL A 54 -13.63 3.98 -5.71
C VAL A 54 -14.54 3.03 -4.96
N GLY A 55 -13.97 2.52 -3.87
CA GLY A 55 -14.66 1.61 -3.01
C GLY A 55 -14.86 2.18 -1.62
N GLY A 56 -15.65 3.26 -1.49
CA GLY A 56 -15.97 3.74 -0.16
C GLY A 56 -14.77 4.20 0.67
N CYS A 57 -14.00 5.19 0.19
CA CYS A 57 -12.65 5.40 0.73
C CYS A 57 -12.37 6.86 1.07
N ALA A 58 -12.90 7.78 0.27
CA ALA A 58 -12.44 9.17 0.27
C ALA A 58 -12.39 9.87 1.63
N LEU A 59 -13.27 9.51 2.59
CA LEU A 59 -13.17 10.15 3.90
C LEU A 59 -12.04 9.57 4.77
N ALA A 60 -11.25 8.68 4.20
CA ALA A 60 -10.02 8.21 4.83
C ALA A 60 -8.82 8.53 3.96
N PRO A 61 -7.60 8.55 4.52
CA PRO A 61 -6.42 8.28 3.71
C PRO A 61 -6.31 6.78 3.50
N ILE A 62 -6.25 6.32 2.26
CA ILE A 62 -6.20 4.89 2.04
C ILE A 62 -4.82 4.39 1.61
N VAL A 63 -4.34 3.37 2.31
CA VAL A 63 -3.30 2.50 1.79
C VAL A 63 -3.66 1.08 2.22
N MET A 64 -3.86 0.17 1.30
CA MET A 64 -4.40 -1.13 1.69
C MET A 64 -3.40 -2.23 1.45
N VAL A 65 -3.37 -3.17 2.37
CA VAL A 65 -2.84 -4.49 2.09
C VAL A 65 -3.98 -5.45 2.28
N GLY A 66 -4.42 -6.08 1.21
CA GLY A 66 -5.52 -7.01 1.28
C GLY A 66 -6.63 -6.56 2.18
N GLU A 67 -7.16 -7.53 2.86
CA GLU A 67 -8.23 -7.30 3.81
C GLU A 67 -7.65 -6.77 5.13
N LYS A 68 -6.52 -6.07 5.04
CA LYS A 68 -5.88 -5.50 6.20
C LYS A 68 -6.21 -4.01 6.28
N VAL A 69 -6.05 -3.33 5.14
CA VAL A 69 -6.27 -1.86 5.01
C VAL A 69 -5.57 -1.03 6.11
N TYR A 70 -4.62 -0.18 5.71
CA TYR A 70 -3.88 0.67 6.65
C TYR A 70 -3.68 2.09 6.15
N GLY A 71 -2.66 2.73 6.72
CA GLY A 71 -2.20 4.01 6.25
C GLY A 71 -0.69 4.01 6.18
N ASN A 72 -0.12 2.88 5.75
CA ASN A 72 1.31 2.79 5.49
C ASN A 72 1.69 3.83 4.44
N VAL A 73 2.43 4.83 4.92
CA VAL A 73 2.50 6.15 4.28
C VAL A 73 3.75 6.36 3.44
N THR A 74 4.60 7.30 3.85
CA THR A 74 5.79 7.62 3.06
C THR A 74 7.06 7.96 3.88
N PRO A 75 7.00 8.84 4.91
CA PRO A 75 8.23 9.36 5.54
C PRO A 75 8.84 8.40 6.56
N GLY A 76 9.30 7.25 6.07
CA GLY A 76 9.98 6.30 6.94
C GLY A 76 9.03 5.54 7.84
N GLN A 77 7.79 6.00 7.91
CA GLN A 77 6.81 5.43 8.82
C GLN A 77 6.38 4.12 8.24
N VAL A 78 6.46 4.12 6.94
CA VAL A 78 6.15 2.97 6.12
C VAL A 78 6.88 1.73 6.58
N LYS A 79 8.21 1.78 6.68
CA LYS A 79 8.99 0.56 6.87
C LYS A 79 8.57 -0.15 8.15
N LYS A 80 8.05 0.62 9.08
CA LYS A 80 7.57 0.13 10.33
C LYS A 80 6.21 -0.45 10.14
N ILE A 81 5.37 0.34 9.52
CA ILE A 81 4.05 -0.12 9.10
C ILE A 81 4.20 -1.30 8.12
N LEU A 82 5.40 -1.47 7.58
CA LEU A 82 5.70 -2.60 6.72
C LEU A 82 5.55 -3.90 7.51
N ALA A 83 5.99 -3.89 8.76
CA ALA A 83 5.75 -5.01 9.67
C ALA A 83 4.24 -5.24 9.79
N GLU A 84 3.52 -4.13 9.71
CA GLU A 84 2.06 -4.13 9.74
C GLU A 84 1.46 -4.63 8.43
N TYR A 85 2.22 -4.51 7.34
CA TYR A 85 1.70 -4.78 6.03
C TYR A 85 1.77 -6.26 5.69
N MET A 1 10.50 -13.29 -8.98
CA MET A 1 9.48 -12.55 -8.22
C MET A 1 8.10 -13.12 -8.50
N VAL A 2 7.57 -13.90 -7.57
CA VAL A 2 6.22 -14.45 -7.71
C VAL A 2 5.35 -14.02 -6.52
N PRO A 3 4.84 -12.79 -6.53
CA PRO A 3 3.99 -12.26 -5.45
C PRO A 3 2.70 -13.07 -5.31
N LYS A 4 2.55 -13.71 -4.16
CA LYS A 4 1.41 -14.59 -3.92
C LYS A 4 0.08 -13.87 -3.93
N GLY A 5 0.02 -12.78 -3.19
CA GLY A 5 -1.14 -11.93 -3.25
C GLY A 5 -2.07 -12.19 -2.10
N LYS A 6 -1.50 -12.53 -0.98
CA LYS A 6 -2.22 -12.75 0.25
C LYS A 6 -3.09 -11.54 0.54
N TYR A 7 -2.48 -10.37 0.54
CA TYR A 7 -3.21 -9.12 0.63
C TYR A 7 -3.20 -8.38 -0.70
N PRO A 8 -4.24 -8.57 -1.54
CA PRO A 8 -4.44 -7.73 -2.74
C PRO A 8 -4.71 -6.28 -2.34
N ILE A 9 -3.66 -5.47 -2.31
CA ILE A 9 -3.72 -4.15 -1.72
C ILE A 9 -4.37 -3.13 -2.65
N SER A 10 -4.60 -1.94 -2.13
CA SER A 10 -5.17 -0.87 -2.94
C SER A 10 -4.63 0.48 -2.50
N VAL A 11 -3.94 1.14 -3.43
CA VAL A 11 -3.35 2.46 -3.20
C VAL A 11 -3.98 3.49 -4.15
N CYS A 12 -4.53 4.58 -3.61
CA CYS A 12 -5.10 5.60 -4.48
C CYS A 12 -4.02 6.27 -5.32
N MET A 13 -4.18 6.18 -6.62
CA MET A 13 -3.37 6.92 -7.56
C MET A 13 -4.29 7.76 -8.42
N GLY A 14 -5.48 8.02 -7.88
CA GLY A 14 -6.51 8.69 -8.64
C GLY A 14 -6.18 10.14 -8.97
N THR A 15 -7.09 10.79 -9.66
CA THR A 15 -6.88 12.15 -10.13
C THR A 15 -6.77 13.15 -8.98
N ALA A 16 -7.68 13.05 -8.02
CA ALA A 16 -7.73 14.02 -6.91
C ALA A 16 -6.59 13.85 -5.93
N CYS A 17 -6.48 12.65 -5.37
CA CYS A 17 -5.58 12.37 -4.27
C CYS A 17 -4.11 12.51 -4.67
N PHE A 18 -3.80 12.15 -5.92
CA PHE A 18 -2.44 12.15 -6.45
C PHE A 18 -1.81 13.55 -6.44
N VAL A 19 -2.64 14.58 -6.51
CA VAL A 19 -2.19 15.95 -6.75
C VAL A 19 -1.41 16.50 -5.56
N LYS A 20 -1.60 15.91 -4.38
CA LYS A 20 -0.98 16.44 -3.17
C LYS A 20 0.48 15.99 -3.03
N GLY A 21 1.04 15.44 -4.11
CA GLY A 21 2.44 15.05 -4.10
C GLY A 21 2.63 13.67 -3.51
N ALA A 22 1.60 12.85 -3.66
CA ALA A 22 1.52 11.60 -2.96
C ALA A 22 2.49 10.58 -3.52
N ASP A 23 2.92 10.77 -4.77
CA ASP A 23 3.80 9.80 -5.40
C ASP A 23 5.04 9.57 -4.57
N LYS A 24 5.70 10.63 -4.12
CA LYS A 24 6.99 10.47 -3.47
C LYS A 24 6.86 9.74 -2.14
N VAL A 25 5.79 10.00 -1.43
CA VAL A 25 5.53 9.31 -0.19
C VAL A 25 5.12 7.87 -0.46
N VAL A 26 4.23 7.65 -1.43
CA VAL A 26 3.88 6.29 -1.80
C VAL A 26 5.08 5.62 -2.48
N HIS A 27 6.02 6.43 -2.96
CA HIS A 27 7.24 5.90 -3.57
C HIS A 27 7.97 5.06 -2.57
N ALA A 28 8.01 5.58 -1.36
CA ALA A 28 8.55 4.86 -0.23
C ALA A 28 7.89 3.49 -0.15
N PHE A 29 6.57 3.47 -0.28
CA PHE A 29 5.79 2.23 -0.32
C PHE A 29 6.26 1.34 -1.47
N LYS A 30 6.40 1.94 -2.63
CA LYS A 30 6.89 1.24 -3.81
C LYS A 30 8.13 0.42 -3.49
N GLU A 31 9.08 1.08 -2.88
CA GLU A 31 10.40 0.49 -2.62
C GLU A 31 10.42 -0.24 -1.30
N GLN A 32 9.49 0.09 -0.42
CA GLN A 32 9.33 -0.57 0.83
C GLN A 32 8.89 -2.00 0.61
N LEU A 33 8.34 -2.26 -0.58
CA LEU A 33 8.10 -3.63 -0.99
C LEU A 33 9.36 -4.37 -0.75
N LYS A 34 10.38 -3.87 -1.44
CA LYS A 34 11.80 -4.22 -1.26
C LYS A 34 12.08 -5.70 -1.53
N ILE A 35 11.02 -6.47 -1.46
CA ILE A 35 10.92 -7.84 -1.93
C ILE A 35 12.03 -8.74 -1.41
N ASP A 36 12.05 -9.92 -1.97
CA ASP A 36 12.96 -10.97 -1.59
C ASP A 36 13.07 -11.92 -2.76
N ILE A 37 11.89 -12.31 -3.22
CA ILE A 37 11.73 -13.27 -4.31
C ILE A 37 10.30 -13.31 -4.80
N GLY A 38 9.49 -12.41 -4.27
CA GLY A 38 8.07 -12.53 -4.44
C GLY A 38 7.41 -11.28 -3.99
N ASP A 39 7.67 -10.98 -2.74
CA ASP A 39 7.09 -9.83 -2.10
C ASP A 39 7.56 -9.70 -0.70
N VAL A 40 8.17 -8.54 -0.51
CA VAL A 40 8.64 -7.99 0.76
C VAL A 40 9.59 -8.91 1.50
N THR A 41 9.04 -9.99 1.90
CA THR A 41 9.75 -11.01 2.66
C THR A 41 9.06 -12.33 2.55
N PRO A 42 7.78 -12.44 2.94
CA PRO A 42 7.08 -13.69 2.82
C PRO A 42 6.69 -14.05 1.39
N ASP A 43 7.16 -13.27 0.38
CA ASP A 43 7.10 -13.73 -1.01
C ASP A 43 5.70 -13.48 -1.55
N GLY A 44 4.92 -12.81 -0.72
CA GLY A 44 3.64 -12.36 -1.16
C GLY A 44 2.78 -11.93 -0.02
N ARG A 45 3.18 -10.84 0.60
CA ARG A 45 2.41 -10.21 1.63
C ARG A 45 1.41 -9.29 0.96
N PHE A 46 1.93 -8.27 0.30
CA PHE A 46 1.11 -7.26 -0.28
C PHE A 46 1.20 -7.24 -1.81
N SER A 47 0.04 -7.34 -2.45
CA SER A 47 -0.05 -7.30 -3.91
C SER A 47 -0.56 -5.92 -4.33
N ILE A 48 0.36 -5.08 -4.76
CA ILE A 48 0.05 -3.68 -5.04
C ILE A 48 -0.93 -3.49 -6.21
N ASP A 49 -2.10 -2.88 -5.95
CA ASP A 49 -2.90 -2.33 -7.05
C ASP A 49 -3.89 -1.27 -6.58
N THR A 50 -4.00 -0.25 -7.39
CA THR A 50 -5.00 0.82 -7.28
C THR A 50 -6.45 0.36 -7.00
N LEU A 51 -6.91 -0.65 -7.75
CA LEU A 51 -8.34 -0.77 -8.12
C LEU A 51 -9.37 -0.70 -6.98
N ARG A 52 -9.11 -1.32 -5.83
CA ARG A 52 -10.06 -1.26 -4.71
C ARG A 52 -10.21 0.18 -4.22
N CYS A 53 -9.09 0.74 -3.84
CA CYS A 53 -8.94 2.09 -3.33
C CYS A 53 -9.26 3.13 -4.42
N VAL A 54 -9.42 4.39 -4.00
CA VAL A 54 -10.10 5.43 -4.79
C VAL A 54 -11.59 5.12 -4.79
N GLY A 55 -11.99 4.44 -3.74
CA GLY A 55 -13.36 4.08 -3.54
C GLY A 55 -14.00 4.71 -2.31
N GLY A 56 -14.13 6.05 -2.28
CA GLY A 56 -14.89 6.65 -1.19
C GLY A 56 -14.31 6.43 0.21
N CYS A 57 -13.06 6.85 0.46
CA CYS A 57 -12.31 6.33 1.60
C CYS A 57 -11.67 7.49 2.36
N ALA A 58 -11.29 8.52 1.60
CA ALA A 58 -10.36 9.56 2.05
C ALA A 58 -10.70 10.20 3.40
N LEU A 59 -11.96 10.26 3.82
CA LEU A 59 -12.26 10.83 5.13
C LEU A 59 -11.87 9.89 6.28
N ALA A 60 -11.22 8.79 5.94
CA ALA A 60 -10.40 8.01 6.86
C ALA A 60 -8.97 8.03 6.35
N PRO A 61 -7.95 7.74 7.16
CA PRO A 61 -6.66 7.41 6.57
C PRO A 61 -6.73 6.01 5.98
N ILE A 62 -6.54 5.89 4.68
CA ILE A 62 -6.63 4.60 4.04
C ILE A 62 -5.28 4.10 3.52
N VAL A 63 -4.92 2.87 3.86
CA VAL A 63 -4.01 2.09 3.05
C VAL A 63 -4.51 0.66 3.07
N MET A 64 -4.85 0.08 1.95
CA MET A 64 -5.42 -1.23 2.02
C MET A 64 -4.47 -2.25 1.48
N VAL A 65 -4.36 -3.34 2.20
CA VAL A 65 -3.69 -4.52 1.73
C VAL A 65 -4.69 -5.64 1.84
N GLY A 66 -5.08 -6.23 0.74
CA GLY A 66 -6.08 -7.27 0.77
C GLY A 66 -7.29 -6.87 1.57
N GLU A 67 -7.95 -7.87 2.09
CA GLU A 67 -9.05 -7.66 3.00
C GLU A 67 -8.48 -7.43 4.40
N LYS A 68 -7.34 -6.76 4.44
CA LYS A 68 -6.63 -6.50 5.68
C LYS A 68 -6.81 -5.05 6.08
N VAL A 69 -7.02 -4.19 5.07
CA VAL A 69 -7.17 -2.73 5.26
C VAL A 69 -6.29 -2.16 6.40
N TYR A 70 -5.07 -1.75 6.04
CA TYR A 70 -4.08 -1.31 7.02
C TYR A 70 -3.83 0.19 7.01
N GLY A 71 -2.72 0.58 7.61
CA GLY A 71 -2.34 1.95 7.67
C GLY A 71 -0.84 2.08 7.60
N ASN A 72 -0.23 1.43 6.60
CA ASN A 72 1.20 1.58 6.33
C ASN A 72 1.45 2.97 5.74
N VAL A 73 0.35 3.72 5.63
CA VAL A 73 0.32 5.16 5.34
C VAL A 73 1.23 5.56 4.20
N THR A 74 1.74 6.79 4.27
CA THR A 74 2.48 7.35 3.17
C THR A 74 3.59 8.33 3.63
N PRO A 75 3.37 9.20 4.66
CA PRO A 75 4.35 10.22 5.03
C PRO A 75 5.40 9.70 6.03
N GLY A 76 6.29 8.83 5.55
CA GLY A 76 7.42 8.42 6.37
C GLY A 76 7.11 7.26 7.28
N GLN A 77 5.89 7.24 7.85
CA GLN A 77 5.50 6.21 8.81
C GLN A 77 5.33 4.89 8.07
N VAL A 78 5.36 5.06 6.77
CA VAL A 78 5.35 4.00 5.80
C VAL A 78 6.26 2.83 6.19
N LYS A 79 7.55 3.10 6.26
CA LYS A 79 8.56 2.06 6.35
C LYS A 79 8.37 1.24 7.62
N LYS A 80 7.75 1.86 8.58
CA LYS A 80 7.55 1.29 9.88
C LYS A 80 6.44 0.30 9.83
N ILE A 81 5.31 0.76 9.34
CA ILE A 81 4.17 -0.11 9.16
C ILE A 81 4.51 -1.21 8.14
N LEU A 82 5.60 -1.03 7.39
CA LEU A 82 6.12 -2.11 6.56
C LEU A 82 6.42 -3.33 7.42
N ALA A 83 7.02 -3.11 8.58
CA ALA A 83 7.24 -4.20 9.53
C ALA A 83 5.91 -4.82 9.90
N GLU A 84 4.88 -3.97 9.94
CA GLU A 84 3.52 -4.40 10.17
C GLU A 84 2.91 -5.11 8.96
N TYR A 85 3.48 -4.88 7.78
CA TYR A 85 2.95 -5.45 6.57
C TYR A 85 3.41 -6.88 6.37
N MET A 1 7.29 -9.26 -10.95
CA MET A 1 6.15 -8.31 -10.90
C MET A 1 4.87 -9.03 -10.48
N VAL A 2 4.98 -10.30 -10.13
CA VAL A 2 3.81 -11.09 -9.77
C VAL A 2 3.96 -11.71 -8.39
N PRO A 3 3.31 -11.11 -7.38
CA PRO A 3 3.23 -11.68 -6.04
C PRO A 3 2.04 -12.63 -5.92
N LYS A 4 1.71 -13.04 -4.70
CA LYS A 4 0.62 -14.00 -4.52
C LYS A 4 -0.72 -13.32 -4.48
N GLY A 5 -0.92 -12.50 -3.46
CA GLY A 5 -2.12 -11.68 -3.40
C GLY A 5 -3.05 -12.05 -2.29
N LYS A 6 -2.49 -12.44 -1.18
CA LYS A 6 -3.25 -12.72 0.01
C LYS A 6 -3.91 -11.44 0.51
N TYR A 7 -3.12 -10.39 0.61
CA TYR A 7 -3.62 -9.07 0.92
C TYR A 7 -3.53 -8.15 -0.30
N PRO A 8 -4.55 -8.18 -1.19
CA PRO A 8 -4.70 -7.19 -2.27
C PRO A 8 -4.64 -5.75 -1.77
N ILE A 9 -3.48 -5.14 -1.88
CA ILE A 9 -3.24 -3.84 -1.30
C ILE A 9 -3.65 -2.69 -2.22
N SER A 10 -4.44 -1.76 -1.69
CA SER A 10 -4.80 -0.56 -2.43
C SER A 10 -3.80 0.53 -2.13
N VAL A 11 -3.38 1.22 -3.17
CA VAL A 11 -2.40 2.27 -3.03
C VAL A 11 -3.00 3.61 -3.41
N CYS A 12 -2.98 4.55 -2.47
CA CYS A 12 -3.66 5.81 -2.64
C CYS A 12 -3.04 6.68 -3.72
N MET A 13 -3.86 6.99 -4.72
CA MET A 13 -3.61 8.10 -5.61
C MET A 13 -4.82 9.01 -5.57
N GLY A 14 -5.57 8.89 -4.46
CA GLY A 14 -6.85 9.55 -4.35
C GLY A 14 -6.77 11.06 -4.29
N THR A 15 -7.92 11.69 -4.22
CA THR A 15 -8.00 13.14 -4.18
C THR A 15 -7.43 13.73 -2.89
N ALA A 16 -7.79 13.12 -1.75
CA ALA A 16 -7.46 13.69 -0.45
C ALA A 16 -5.97 13.58 -0.12
N CYS A 17 -5.46 12.35 -0.11
CA CYS A 17 -4.11 12.07 0.36
C CYS A 17 -3.06 12.71 -0.55
N PHE A 18 -3.36 12.75 -1.85
CA PHE A 18 -2.40 13.15 -2.88
C PHE A 18 -1.89 14.57 -2.67
N VAL A 19 -2.71 15.43 -2.10
CA VAL A 19 -2.41 16.86 -2.03
C VAL A 19 -1.25 17.12 -1.07
N LYS A 20 -1.07 16.22 -0.11
CA LYS A 20 -0.05 16.40 0.92
C LYS A 20 1.31 15.92 0.46
N GLY A 21 1.41 15.58 -0.82
CA GLY A 21 2.66 15.09 -1.38
C GLY A 21 2.83 13.61 -1.12
N ALA A 22 1.70 12.93 -0.97
CA ALA A 22 1.69 11.54 -0.57
C ALA A 22 2.15 10.64 -1.68
N ASP A 23 2.07 11.14 -2.91
CA ASP A 23 2.42 10.36 -4.08
C ASP A 23 3.88 9.95 -4.05
N LYS A 24 4.76 10.84 -3.60
CA LYS A 24 6.16 10.49 -3.53
C LYS A 24 6.39 9.43 -2.47
N VAL A 25 5.65 9.53 -1.39
CA VAL A 25 5.80 8.57 -0.32
C VAL A 25 5.22 7.22 -0.70
N VAL A 26 4.21 7.17 -1.58
CA VAL A 26 3.76 5.88 -2.07
C VAL A 26 4.93 5.23 -2.82
N HIS A 27 5.70 6.05 -3.54
CA HIS A 27 6.94 5.59 -4.17
C HIS A 27 7.89 5.07 -3.12
N ALA A 28 7.95 5.78 -2.01
CA ALA A 28 8.78 5.37 -0.88
C ALA A 28 8.41 3.95 -0.48
N PHE A 29 7.10 3.68 -0.41
CA PHE A 29 6.60 2.32 -0.22
C PHE A 29 7.28 1.38 -1.17
N LYS A 30 7.08 1.65 -2.44
CA LYS A 30 7.61 0.78 -3.49
C LYS A 30 9.07 0.40 -3.23
N GLU A 31 9.85 1.38 -2.86
CA GLU A 31 11.28 1.17 -2.63
C GLU A 31 11.54 0.52 -1.30
N GLN A 32 10.85 0.97 -0.26
CA GLN A 32 10.96 0.40 1.04
C GLN A 32 10.48 -1.05 1.00
N LEU A 33 9.62 -1.36 0.03
CA LEU A 33 9.22 -2.72 -0.19
C LEU A 33 10.42 -3.50 -0.60
N LYS A 34 11.11 -3.03 -1.65
CA LYS A 34 12.31 -3.66 -2.22
C LYS A 34 11.93 -4.96 -2.88
N ILE A 35 10.72 -5.37 -2.54
CA ILE A 35 10.01 -6.51 -3.05
C ILE A 35 10.70 -7.83 -2.76
N ASP A 36 11.92 -7.74 -2.28
CA ASP A 36 12.69 -8.87 -1.80
C ASP A 36 13.07 -9.79 -2.97
N ILE A 37 12.02 -10.32 -3.58
CA ILE A 37 12.11 -11.20 -4.74
C ILE A 37 10.75 -11.37 -5.38
N GLY A 38 9.75 -10.64 -4.89
CA GLY A 38 8.39 -10.99 -5.22
C GLY A 38 7.37 -10.07 -4.61
N ASP A 39 7.62 -9.66 -3.38
CA ASP A 39 6.59 -9.25 -2.49
C ASP A 39 7.11 -8.46 -1.32
N VAL A 40 6.17 -8.05 -0.51
CA VAL A 40 6.38 -7.37 0.76
C VAL A 40 7.75 -7.69 1.34
N THR A 41 7.97 -8.95 1.35
CA THR A 41 9.14 -9.58 1.88
C THR A 41 9.06 -11.07 1.59
N PRO A 42 7.97 -11.74 2.00
CA PRO A 42 7.89 -13.16 1.88
C PRO A 42 7.50 -13.71 0.52
N ASP A 43 7.25 -12.85 -0.51
CA ASP A 43 7.01 -13.36 -1.85
C ASP A 43 5.58 -13.88 -1.89
N GLY A 44 4.82 -13.46 -0.89
CA GLY A 44 3.44 -13.81 -0.86
C GLY A 44 2.71 -13.19 0.28
N ARG A 45 2.51 -11.90 0.17
CA ARG A 45 1.89 -11.11 1.19
C ARG A 45 1.00 -10.05 0.54
N PHE A 46 1.64 -9.20 -0.24
CA PHE A 46 1.02 -8.05 -0.86
C PHE A 46 0.72 -8.30 -2.35
N SER A 47 -0.24 -7.53 -2.88
CA SER A 47 -0.50 -7.42 -4.32
C SER A 47 -1.38 -6.21 -4.54
N ILE A 48 -0.83 -5.20 -5.21
CA ILE A 48 -1.41 -3.87 -5.17
C ILE A 48 -2.38 -3.59 -6.30
N ASP A 49 -3.30 -2.66 -6.03
CA ASP A 49 -4.07 -2.00 -7.08
C ASP A 49 -4.68 -0.70 -6.57
N THR A 50 -4.61 0.32 -7.42
CA THR A 50 -5.41 1.55 -7.33
C THR A 50 -6.91 1.31 -7.09
N LEU A 51 -7.46 0.32 -7.80
CA LEU A 51 -8.90 0.17 -8.04
C LEU A 51 -9.75 0.21 -6.76
N ARG A 52 -9.20 -0.24 -5.66
CA ARG A 52 -9.89 -0.18 -4.36
C ARG A 52 -10.34 1.25 -4.05
N CYS A 53 -9.41 2.19 -4.23
CA CYS A 53 -9.62 3.61 -3.93
C CYS A 53 -10.79 4.19 -4.73
N VAL A 54 -11.34 5.31 -4.21
CA VAL A 54 -12.69 5.84 -4.54
C VAL A 54 -13.73 4.85 -4.02
N GLY A 55 -13.26 4.08 -3.06
CA GLY A 55 -14.07 3.07 -2.41
C GLY A 55 -14.31 3.39 -0.95
N GLY A 56 -15.08 4.44 -0.66
CA GLY A 56 -15.36 4.73 0.73
C GLY A 56 -14.17 5.15 1.57
N CYS A 57 -13.45 6.21 1.17
CA CYS A 57 -12.18 6.53 1.83
C CYS A 57 -12.06 8.01 2.19
N ALA A 58 -12.55 8.90 1.34
CA ALA A 58 -11.97 10.25 1.23
C ALA A 58 -11.76 11.02 2.55
N LEU A 59 -12.62 10.88 3.57
CA LEU A 59 -12.33 11.59 4.83
C LEU A 59 -11.28 10.88 5.69
N ALA A 60 -10.72 9.78 5.20
CA ALA A 60 -9.55 9.14 5.78
C ALA A 60 -8.45 9.03 4.75
N PRO A 61 -7.18 8.84 5.15
CA PRO A 61 -6.20 8.25 4.26
C PRO A 61 -6.37 6.72 4.23
N ILE A 62 -6.54 6.15 3.05
CA ILE A 62 -6.67 4.69 2.94
C ILE A 62 -5.42 4.05 2.32
N VAL A 63 -4.95 2.96 2.93
CA VAL A 63 -4.07 2.04 2.24
C VAL A 63 -4.52 0.64 2.60
N MET A 64 -4.79 -0.19 1.64
CA MET A 64 -5.41 -1.46 1.96
C MET A 64 -4.45 -2.57 1.70
N VAL A 65 -4.47 -3.61 2.51
CA VAL A 65 -4.02 -4.91 2.04
C VAL A 65 -5.15 -5.87 2.20
N GLY A 66 -5.64 -6.43 1.13
CA GLY A 66 -6.74 -7.35 1.21
C GLY A 66 -7.82 -6.85 2.11
N GLU A 67 -8.46 -7.78 2.74
CA GLU A 67 -9.44 -7.47 3.75
C GLU A 67 -8.72 -7.13 5.06
N LYS A 68 -7.49 -6.61 4.94
CA LYS A 68 -6.66 -6.37 6.09
C LYS A 68 -6.58 -4.85 6.36
N VAL A 69 -6.62 -4.07 5.27
CA VAL A 69 -6.61 -2.57 5.31
C VAL A 69 -5.58 -1.94 6.29
N TYR A 70 -4.54 -1.30 5.74
CA TYR A 70 -3.41 -0.79 6.55
C TYR A 70 -3.06 0.68 6.23
N GLY A 71 -1.80 1.02 6.51
CA GLY A 71 -1.28 2.34 6.21
C GLY A 71 0.21 2.31 5.95
N ASN A 72 0.68 1.36 5.14
CA ASN A 72 2.10 1.16 4.94
C ASN A 72 2.62 1.88 3.68
N VAL A 73 1.78 2.60 2.96
CA VAL A 73 2.15 3.04 1.62
C VAL A 73 2.19 4.56 1.43
N THR A 74 2.23 5.33 2.50
CA THR A 74 2.12 6.77 2.35
C THR A 74 2.87 7.51 3.51
N PRO A 75 2.97 8.87 3.51
CA PRO A 75 3.87 9.70 4.34
C PRO A 75 4.53 9.03 5.54
N GLY A 76 5.76 8.54 5.33
CA GLY A 76 6.64 8.15 6.43
C GLY A 76 6.27 6.85 7.09
N GLN A 77 4.99 6.54 7.08
CA GLN A 77 4.45 5.50 7.94
C GLN A 77 4.78 4.20 7.28
N VAL A 78 5.15 4.32 6.03
CA VAL A 78 5.50 3.23 5.20
C VAL A 78 6.44 2.27 5.91
N LYS A 79 7.59 2.80 6.32
CA LYS A 79 8.71 1.99 6.79
C LYS A 79 8.25 1.13 7.95
N LYS A 80 7.50 1.78 8.80
CA LYS A 80 7.08 1.25 10.06
C LYS A 80 5.94 0.31 9.86
N ILE A 81 4.99 0.79 9.11
CA ILE A 81 3.81 0.02 8.81
C ILE A 81 4.17 -1.14 7.88
N LEU A 82 5.38 -1.12 7.36
CA LEU A 82 5.90 -2.31 6.69
C LEU A 82 6.06 -3.45 7.70
N ALA A 83 6.43 -3.11 8.92
CA ALA A 83 6.43 -4.09 10.01
C ALA A 83 5.01 -4.62 10.18
N GLU A 84 4.06 -3.77 9.84
CA GLU A 84 2.66 -4.14 9.81
C GLU A 84 2.39 -5.10 8.65
N TYR A 85 3.04 -4.89 7.51
CA TYR A 85 2.82 -5.70 6.36
C TYR A 85 3.58 -7.02 6.45
N MET A 1 -10.93 -13.23 6.38
CA MET A 1 -10.36 -14.43 5.73
C MET A 1 -9.00 -14.75 6.34
N VAL A 2 -8.66 -16.03 6.39
CA VAL A 2 -7.38 -16.48 6.95
C VAL A 2 -6.21 -15.69 6.37
N PRO A 3 -5.46 -14.99 7.25
CA PRO A 3 -4.32 -14.17 6.84
C PRO A 3 -3.12 -15.01 6.46
N LYS A 4 -3.20 -15.66 5.31
CA LYS A 4 -2.12 -16.49 4.82
C LYS A 4 -0.91 -15.66 4.46
N GLY A 5 -1.16 -14.53 3.86
CA GLY A 5 -0.11 -13.54 3.71
C GLY A 5 -0.25 -12.61 2.53
N LYS A 6 -1.05 -12.96 1.55
CA LYS A 6 -0.98 -12.28 0.25
C LYS A 6 -2.04 -11.18 0.04
N TYR A 7 -2.21 -10.36 1.04
CA TYR A 7 -3.16 -9.26 1.05
C TYR A 7 -3.06 -8.36 -0.19
N PRO A 8 -4.08 -8.41 -1.06
CA PRO A 8 -4.24 -7.44 -2.15
C PRO A 8 -4.27 -5.99 -1.65
N ILE A 9 -3.15 -5.29 -1.74
CA ILE A 9 -3.09 -3.95 -1.20
C ILE A 9 -3.60 -2.89 -2.16
N SER A 10 -4.59 -2.15 -1.71
CA SER A 10 -5.13 -1.05 -2.49
C SER A 10 -4.44 0.26 -2.11
N VAL A 11 -3.97 0.97 -3.12
CA VAL A 11 -3.11 2.15 -2.93
C VAL A 11 -3.74 3.45 -3.39
N CYS A 12 -3.74 4.45 -2.50
CA CYS A 12 -4.24 5.79 -2.83
C CYS A 12 -3.39 6.42 -3.94
N MET A 13 -4.03 6.62 -5.09
CA MET A 13 -3.43 7.39 -6.17
C MET A 13 -4.40 8.45 -6.67
N GLY A 14 -5.34 8.85 -5.83
CA GLY A 14 -6.44 9.69 -6.30
C GLY A 14 -6.00 11.09 -6.71
N THR A 15 -6.94 11.86 -7.21
CA THR A 15 -6.66 13.19 -7.75
C THR A 15 -6.24 14.17 -6.65
N ALA A 16 -7.00 14.17 -5.56
CA ALA A 16 -6.76 15.09 -4.46
C ALA A 16 -5.48 14.76 -3.73
N CYS A 17 -5.34 13.51 -3.32
CA CYS A 17 -4.21 13.07 -2.51
C CYS A 17 -2.89 13.20 -3.29
N PHE A 18 -2.92 12.86 -4.58
CA PHE A 18 -1.71 12.79 -5.40
C PHE A 18 -1.03 14.15 -5.58
N VAL A 19 -1.83 15.21 -5.63
CA VAL A 19 -1.34 16.52 -6.07
C VAL A 19 -0.42 17.17 -5.04
N LYS A 20 -0.56 16.78 -3.78
CA LYS A 20 0.26 17.35 -2.71
C LYS A 20 1.61 16.66 -2.60
N GLY A 21 1.96 15.91 -3.63
CA GLY A 21 3.26 15.26 -3.67
C GLY A 21 3.23 13.91 -3.01
N ALA A 22 2.07 13.26 -3.04
CA ALA A 22 1.91 11.97 -2.40
C ALA A 22 2.65 10.91 -3.20
N ASP A 23 2.94 11.24 -4.46
CA ASP A 23 3.67 10.36 -5.35
C ASP A 23 4.98 9.92 -4.71
N LYS A 24 5.78 10.88 -4.23
CA LYS A 24 7.09 10.54 -3.71
C LYS A 24 6.97 9.69 -2.45
N VAL A 25 5.99 10.01 -1.63
CA VAL A 25 5.80 9.28 -0.41
C VAL A 25 5.26 7.88 -0.67
N VAL A 26 4.35 7.73 -1.62
CA VAL A 26 3.92 6.39 -2.01
C VAL A 26 5.09 5.68 -2.69
N HIS A 27 5.96 6.45 -3.35
CA HIS A 27 7.15 5.89 -3.95
C HIS A 27 8.02 5.25 -2.89
N ALA A 28 8.07 5.90 -1.73
CA ALA A 28 8.77 5.36 -0.59
C ALA A 28 8.23 3.97 -0.30
N PHE A 29 6.91 3.87 -0.29
CA PHE A 29 6.20 2.60 -0.17
C PHE A 29 6.72 1.59 -1.20
N LYS A 30 6.73 2.03 -2.44
CA LYS A 30 7.20 1.20 -3.56
C LYS A 30 8.52 0.52 -3.21
N GLU A 31 9.43 1.29 -2.68
CA GLU A 31 10.75 0.78 -2.32
C GLU A 31 10.71 0.07 -0.98
N GLN A 32 9.81 0.51 -0.13
CA GLN A 32 9.51 -0.15 1.12
C GLN A 32 9.05 -1.58 0.89
N LEU A 33 8.42 -1.82 -0.26
CA LEU A 33 8.07 -3.18 -0.65
C LEU A 33 9.29 -4.03 -0.58
N LYS A 34 10.29 -3.52 -1.29
CA LYS A 34 11.66 -4.05 -1.34
C LYS A 34 11.74 -5.47 -1.86
N ILE A 35 10.60 -6.12 -1.85
CA ILE A 35 10.35 -7.38 -2.51
C ILE A 35 11.37 -8.45 -2.17
N ASP A 36 11.38 -9.45 -3.02
CA ASP A 36 12.25 -10.60 -2.89
C ASP A 36 12.38 -11.17 -4.27
N ILE A 37 11.20 -11.45 -4.81
CA ILE A 37 10.97 -11.93 -6.16
C ILE A 37 9.48 -12.04 -6.35
N GLY A 38 8.77 -11.30 -5.53
CA GLY A 38 7.37 -11.49 -5.36
C GLY A 38 6.80 -10.30 -4.66
N ASP A 39 7.16 -10.23 -3.38
CA ASP A 39 6.74 -9.18 -2.46
C ASP A 39 7.36 -9.40 -1.12
N VAL A 40 8.04 -8.35 -0.67
CA VAL A 40 8.49 -8.15 0.72
C VAL A 40 9.41 -9.25 1.29
N THR A 41 9.49 -10.36 0.58
CA THR A 41 10.24 -11.57 0.96
C THR A 41 9.29 -12.73 1.23
N PRO A 42 8.17 -12.51 1.94
CA PRO A 42 7.08 -13.48 1.94
C PRO A 42 6.64 -13.87 0.53
N ASP A 43 6.99 -13.05 -0.47
CA ASP A 43 6.97 -13.46 -1.88
C ASP A 43 5.57 -13.27 -2.38
N GLY A 44 4.83 -12.56 -1.56
CA GLY A 44 3.48 -12.24 -1.89
C GLY A 44 2.71 -11.95 -0.65
N ARG A 45 2.93 -10.78 -0.12
CA ARG A 45 2.26 -10.36 1.09
C ARG A 45 1.47 -9.12 0.80
N PHE A 46 2.13 -8.13 0.25
CA PHE A 46 1.42 -7.00 -0.27
C PHE A 46 1.57 -6.82 -1.77
N SER A 47 0.47 -7.06 -2.46
CA SER A 47 0.41 -6.92 -3.91
C SER A 47 -0.61 -5.85 -4.28
N ILE A 48 -0.12 -4.70 -4.74
CA ILE A 48 -0.95 -3.50 -4.89
C ILE A 48 -1.97 -3.61 -6.02
N ASP A 49 -3.13 -3.00 -5.78
CA ASP A 49 -4.20 -2.91 -6.77
C ASP A 49 -5.12 -1.70 -6.50
N THR A 50 -5.58 -1.16 -7.61
CA THR A 50 -6.53 -0.05 -7.71
C THR A 50 -7.75 -0.08 -6.75
N LEU A 51 -8.39 -1.24 -6.59
CA LEU A 51 -9.86 -1.30 -6.32
C LEU A 51 -10.39 -0.40 -5.20
N ARG A 52 -9.67 -0.23 -4.10
CA ARG A 52 -10.12 0.68 -3.04
C ARG A 52 -10.23 2.11 -3.57
N CYS A 53 -9.16 2.55 -4.19
CA CYS A 53 -8.95 3.93 -4.55
C CYS A 53 -9.98 4.46 -5.56
N VAL A 54 -10.17 5.79 -5.53
CA VAL A 54 -11.23 6.49 -6.26
C VAL A 54 -12.58 6.02 -5.77
N GLY A 55 -12.57 5.45 -4.58
CA GLY A 55 -13.77 4.96 -3.98
C GLY A 55 -14.12 5.64 -2.67
N GLY A 56 -14.35 6.96 -2.68
CA GLY A 56 -14.94 7.58 -1.49
C GLY A 56 -14.12 7.40 -0.22
N CYS A 57 -12.86 7.87 -0.18
CA CYS A 57 -11.88 7.27 0.74
C CYS A 57 -11.19 8.35 1.58
N ALA A 58 -10.96 9.51 0.97
CA ALA A 58 -10.02 10.52 1.47
C ALA A 58 -10.14 10.90 2.95
N LEU A 59 -11.32 10.81 3.58
CA LEU A 59 -11.37 11.19 5.01
C LEU A 59 -10.70 10.14 5.91
N ALA A 60 -10.10 9.13 5.30
CA ALA A 60 -9.09 8.32 5.95
C ALA A 60 -7.80 8.43 5.15
N PRO A 61 -6.63 8.16 5.73
CA PRO A 61 -5.50 7.74 4.92
C PRO A 61 -5.70 6.28 4.55
N ILE A 62 -5.73 5.96 3.27
CA ILE A 62 -6.02 4.58 2.90
C ILE A 62 -4.79 3.84 2.40
N VAL A 63 -4.55 2.68 2.99
CA VAL A 63 -3.84 1.62 2.31
C VAL A 63 -4.45 0.32 2.75
N MET A 64 -4.97 -0.44 1.86
CA MET A 64 -5.63 -1.64 2.28
C MET A 64 -4.81 -2.80 1.83
N VAL A 65 -4.61 -3.81 2.65
CA VAL A 65 -4.00 -5.03 2.15
C VAL A 65 -4.99 -6.13 2.37
N GLY A 66 -5.49 -6.70 1.30
CA GLY A 66 -6.56 -7.63 1.42
C GLY A 66 -7.67 -7.02 2.24
N GLU A 67 -8.48 -7.88 2.78
CA GLU A 67 -9.49 -7.45 3.74
C GLU A 67 -8.83 -7.24 5.11
N LYS A 68 -7.63 -6.68 5.10
CA LYS A 68 -6.89 -6.38 6.32
C LYS A 68 -6.91 -4.88 6.60
N VAL A 69 -6.82 -4.08 5.54
CA VAL A 69 -6.81 -2.59 5.64
C VAL A 69 -5.75 -2.02 6.61
N TYR A 70 -4.71 -1.38 6.06
CA TYR A 70 -3.55 -0.92 6.86
C TYR A 70 -3.23 0.58 6.64
N GLY A 71 -2.07 0.96 7.19
CA GLY A 71 -1.61 2.33 7.08
C GLY A 71 -0.17 2.42 6.56
N ASN A 72 0.24 1.46 5.74
CA ASN A 72 1.54 1.55 5.07
C ASN A 72 1.33 2.29 3.76
N VAL A 73 1.45 3.60 3.84
CA VAL A 73 1.04 4.49 2.75
C VAL A 73 2.19 5.26 2.17
N THR A 74 2.36 6.45 2.71
CA THR A 74 3.21 7.44 2.12
C THR A 74 4.16 8.13 3.13
N PRO A 75 3.66 8.85 4.17
CA PRO A 75 4.47 9.80 4.92
C PRO A 75 5.23 9.16 6.07
N GLY A 76 6.22 8.36 5.74
CA GLY A 76 7.05 7.75 6.76
C GLY A 76 6.39 6.57 7.42
N GLN A 77 5.09 6.41 7.17
CA GLN A 77 4.28 5.42 7.87
C GLN A 77 4.67 4.09 7.29
N VAL A 78 5.14 4.22 6.07
CA VAL A 78 5.56 3.14 5.26
C VAL A 78 6.48 2.18 6.01
N LYS A 79 7.62 2.68 6.48
CA LYS A 79 8.68 1.82 6.96
C LYS A 79 8.19 0.96 8.12
N LYS A 80 7.39 1.57 8.95
CA LYS A 80 6.95 0.96 10.18
C LYS A 80 5.83 0.03 9.90
N ILE A 81 4.91 0.54 9.13
CA ILE A 81 3.76 -0.25 8.73
C ILE A 81 4.20 -1.33 7.74
N LEU A 82 5.41 -1.24 7.24
CA LEU A 82 6.00 -2.34 6.48
C LEU A 82 6.14 -3.56 7.37
N ALA A 83 6.42 -3.34 8.65
CA ALA A 83 6.38 -4.44 9.60
C ALA A 83 4.98 -5.04 9.60
N GLU A 84 4.01 -4.17 9.37
CA GLU A 84 2.64 -4.59 9.17
C GLU A 84 2.49 -5.29 7.81
N TYR A 85 3.13 -4.77 6.77
CA TYR A 85 3.01 -5.32 5.45
C TYR A 85 3.96 -6.48 5.23
N MET A 1 -5.38 -20.70 1.21
CA MET A 1 -6.82 -20.94 1.41
C MET A 1 -7.47 -19.76 2.13
N VAL A 2 -7.65 -19.88 3.45
CA VAL A 2 -8.18 -18.76 4.23
C VAL A 2 -7.07 -17.77 4.56
N PRO A 3 -5.98 -18.21 5.22
CA PRO A 3 -4.81 -17.35 5.43
C PRO A 3 -4.00 -17.19 4.15
N LYS A 4 -4.49 -16.32 3.26
CA LYS A 4 -3.89 -16.13 1.95
C LYS A 4 -2.49 -15.56 2.06
N GLY A 5 -2.40 -14.30 2.43
CA GLY A 5 -1.11 -13.70 2.71
C GLY A 5 -0.71 -12.66 1.69
N LYS A 6 -1.29 -12.74 0.53
CA LYS A 6 -0.89 -11.96 -0.64
C LYS A 6 -1.79 -10.78 -0.87
N TYR A 7 -1.96 -10.03 0.18
CA TYR A 7 -2.86 -8.90 0.24
C TYR A 7 -2.64 -7.89 -0.88
N PRO A 8 -3.58 -7.81 -1.84
CA PRO A 8 -3.58 -6.73 -2.82
C PRO A 8 -3.72 -5.37 -2.15
N ILE A 9 -2.63 -4.64 -2.05
CA ILE A 9 -2.63 -3.34 -1.41
C ILE A 9 -3.19 -2.28 -2.34
N SER A 10 -4.33 -1.76 -1.95
CA SER A 10 -5.05 -0.77 -2.72
C SER A 10 -4.65 0.64 -2.28
N VAL A 11 -3.89 1.30 -3.13
CA VAL A 11 -3.44 2.67 -2.87
C VAL A 11 -3.98 3.61 -3.95
N CYS A 12 -4.71 4.65 -3.57
CA CYS A 12 -5.22 5.58 -4.57
C CYS A 12 -4.08 6.36 -5.21
N MET A 13 -3.96 6.19 -6.52
CA MET A 13 -3.05 7.01 -7.32
C MET A 13 -3.87 7.69 -8.40
N GLY A 14 -5.17 7.84 -8.15
CA GLY A 14 -6.08 8.44 -9.10
C GLY A 14 -5.81 9.92 -9.30
N THR A 15 -6.58 10.55 -10.17
CA THR A 15 -6.29 11.91 -10.61
C THR A 15 -6.35 12.90 -9.45
N ALA A 16 -7.38 12.77 -8.61
CA ALA A 16 -7.58 13.72 -7.53
C ALA A 16 -6.53 13.58 -6.44
N CYS A 17 -6.39 12.38 -5.89
CA CYS A 17 -5.47 12.14 -4.79
C CYS A 17 -3.99 12.26 -5.22
N PHE A 18 -3.68 11.79 -6.43
CA PHE A 18 -2.30 11.78 -6.95
C PHE A 18 -1.72 13.18 -7.12
N VAL A 19 -2.57 14.15 -7.43
CA VAL A 19 -2.14 15.48 -7.87
C VAL A 19 -1.47 16.24 -6.72
N LYS A 20 -1.77 15.83 -5.49
CA LYS A 20 -1.26 16.50 -4.30
C LYS A 20 0.15 16.03 -3.96
N GLY A 21 0.79 15.36 -4.92
CA GLY A 21 2.16 14.90 -4.73
C GLY A 21 2.21 13.54 -4.06
N ALA A 22 1.17 12.76 -4.30
CA ALA A 22 1.00 11.49 -3.60
C ALA A 22 1.99 10.44 -4.09
N ASP A 23 2.53 10.63 -5.27
CA ASP A 23 3.46 9.65 -5.83
C ASP A 23 4.64 9.44 -4.90
N LYS A 24 5.21 10.51 -4.38
CA LYS A 24 6.45 10.37 -3.62
C LYS A 24 6.25 9.54 -2.37
N VAL A 25 5.13 9.72 -1.69
CA VAL A 25 4.85 8.96 -0.51
C VAL A 25 4.60 7.50 -0.88
N VAL A 26 3.77 7.28 -1.89
CA VAL A 26 3.50 5.93 -2.35
C VAL A 26 4.77 5.32 -2.95
N HIS A 27 5.68 6.17 -3.44
CA HIS A 27 6.94 5.69 -3.97
C HIS A 27 7.71 4.97 -2.90
N ALA A 28 7.73 5.59 -1.73
CA ALA A 28 8.33 4.99 -0.55
C ALA A 28 7.69 3.63 -0.29
N PHE A 29 6.39 3.59 -0.48
CA PHE A 29 5.62 2.35 -0.35
C PHE A 29 6.10 1.33 -1.37
N LYS A 30 6.25 1.78 -2.61
CA LYS A 30 6.75 0.93 -3.69
C LYS A 30 8.08 0.29 -3.28
N GLU A 31 8.92 1.06 -2.64
CA GLU A 31 10.24 0.61 -2.23
C GLU A 31 10.18 -0.15 -0.93
N GLN A 32 9.22 0.20 -0.10
CA GLN A 32 9.01 -0.47 1.14
C GLN A 32 8.59 -1.90 0.90
N LEU A 33 8.04 -2.16 -0.31
CA LEU A 33 7.80 -3.53 -0.72
C LEU A 33 9.07 -4.28 -0.51
N LYS A 34 10.15 -3.73 -1.11
CA LYS A 34 11.55 -4.11 -0.88
C LYS A 34 11.86 -5.55 -1.27
N ILE A 35 10.82 -6.34 -1.18
CA ILE A 35 10.72 -7.67 -1.75
C ILE A 35 11.83 -8.61 -1.35
N ASP A 36 11.79 -9.76 -1.99
CA ASP A 36 12.70 -10.87 -1.73
C ASP A 36 12.72 -11.74 -2.94
N ILE A 37 11.51 -11.94 -3.49
CA ILE A 37 11.29 -12.80 -4.63
C ILE A 37 9.95 -12.55 -5.30
N GLY A 38 9.17 -11.66 -4.75
CA GLY A 38 7.82 -11.51 -5.21
C GLY A 38 7.14 -10.36 -4.53
N ASP A 39 7.09 -10.45 -3.20
CA ASP A 39 6.44 -9.45 -2.37
C ASP A 39 6.84 -9.58 -0.92
N VAL A 40 7.51 -8.54 -0.45
CA VAL A 40 7.94 -8.39 0.94
C VAL A 40 9.07 -9.33 1.23
N THR A 41 8.71 -10.55 1.11
CA THR A 41 9.57 -11.65 1.47
C THR A 41 8.96 -12.94 0.97
N PRO A 42 7.76 -13.31 1.43
CA PRO A 42 7.17 -14.56 1.05
C PRO A 42 6.58 -14.57 -0.35
N ASP A 43 6.87 -13.51 -1.14
CA ASP A 43 6.54 -13.53 -2.57
C ASP A 43 5.09 -13.15 -2.71
N GLY A 44 4.53 -12.69 -1.61
CA GLY A 44 3.18 -12.27 -1.63
C GLY A 44 2.63 -12.01 -0.27
N ARG A 45 3.01 -10.87 0.23
CA ARG A 45 2.40 -10.25 1.37
C ARG A 45 1.80 -8.95 0.88
N PHE A 46 1.99 -8.82 -0.41
CA PHE A 46 1.71 -7.61 -1.13
C PHE A 46 0.96 -7.92 -2.43
N SER A 47 0.45 -6.86 -3.05
CA SER A 47 -0.03 -6.87 -4.42
C SER A 47 -0.56 -5.48 -4.73
N ILE A 48 0.38 -4.57 -4.92
CA ILE A 48 0.10 -3.13 -4.96
C ILE A 48 -0.73 -2.73 -6.20
N ASP A 49 -1.95 -2.23 -5.96
CA ASP A 49 -2.70 -1.56 -7.03
C ASP A 49 -3.84 -0.69 -6.50
N THR A 50 -3.98 0.42 -7.17
CA THR A 50 -5.08 1.39 -7.03
C THR A 50 -6.50 0.79 -6.90
N LEU A 51 -6.85 -0.17 -7.76
CA LEU A 51 -8.24 -0.36 -8.22
C LEU A 51 -9.31 -0.44 -7.11
N ARG A 52 -9.05 -1.15 -6.02
CA ARG A 52 -10.01 -1.18 -4.90
C ARG A 52 -10.20 0.21 -4.30
N CYS A 53 -9.07 0.77 -3.91
CA CYS A 53 -8.94 2.09 -3.32
C CYS A 53 -9.38 3.16 -4.32
N VAL A 54 -9.54 4.43 -3.87
CA VAL A 54 -10.39 5.42 -4.54
C VAL A 54 -11.85 5.08 -4.26
N GLY A 55 -12.03 4.44 -3.12
CA GLY A 55 -13.35 4.07 -2.66
C GLY A 55 -13.77 4.82 -1.40
N GLY A 56 -13.93 6.15 -1.50
CA GLY A 56 -14.52 6.89 -0.39
C GLY A 56 -13.74 6.86 0.92
N CYS A 57 -12.47 7.28 0.92
CA CYS A 57 -11.58 6.90 2.03
C CYS A 57 -10.77 8.11 2.49
N ALA A 58 -10.45 8.97 1.51
CA ALA A 58 -9.36 9.94 1.60
C ALA A 58 -9.36 10.83 2.85
N LEU A 59 -10.50 11.14 3.47
CA LEU A 59 -10.44 11.95 4.69
C LEU A 59 -9.95 11.15 5.89
N ALA A 60 -9.53 9.92 5.66
CA ALA A 60 -8.66 9.19 6.57
C ALA A 60 -7.37 8.91 5.82
N PRO A 61 -6.25 8.61 6.48
CA PRO A 61 -5.16 7.95 5.78
C PRO A 61 -5.55 6.49 5.59
N ILE A 62 -5.69 6.06 4.35
CA ILE A 62 -6.04 4.69 4.04
C ILE A 62 -4.90 3.94 3.35
N VAL A 63 -4.58 2.73 3.80
CA VAL A 63 -3.91 1.78 2.91
C VAL A 63 -4.49 0.41 3.13
N MET A 64 -5.04 -0.20 2.12
CA MET A 64 -5.68 -1.47 2.33
C MET A 64 -4.90 -2.56 1.65
N VAL A 65 -4.70 -3.68 2.31
CA VAL A 65 -4.05 -4.80 1.66
C VAL A 65 -4.96 -6.00 1.69
N GLY A 66 -5.42 -6.46 0.56
CA GLY A 66 -6.24 -7.66 0.50
C GLY A 66 -7.40 -7.63 1.46
N GLU A 67 -8.08 -6.51 1.48
CA GLU A 67 -9.19 -6.27 2.40
C GLU A 67 -8.73 -6.37 3.86
N LYS A 68 -7.42 -6.51 4.07
CA LYS A 68 -6.85 -6.59 5.42
C LYS A 68 -6.80 -5.19 6.05
N VAL A 69 -7.09 -4.18 5.23
CA VAL A 69 -7.11 -2.75 5.63
C VAL A 69 -6.02 -2.38 6.65
N TYR A 70 -4.93 -1.81 6.17
CA TYR A 70 -3.77 -1.53 7.02
C TYR A 70 -3.55 -0.05 7.28
N GLY A 71 -2.70 0.17 8.27
CA GLY A 71 -2.34 1.48 8.68
C GLY A 71 -0.92 1.74 8.30
N ASN A 72 -0.35 0.78 7.56
CA ASN A 72 0.91 1.01 6.89
C ASN A 72 0.67 2.07 5.84
N VAL A 73 1.52 3.07 5.83
CA VAL A 73 1.13 4.41 5.45
C VAL A 73 1.90 4.94 4.25
N THR A 74 2.16 6.26 4.25
CA THR A 74 2.78 6.89 3.10
C THR A 74 3.99 7.79 3.45
N PRO A 75 3.89 8.74 4.42
CA PRO A 75 4.94 9.73 4.62
C PRO A 75 6.04 9.27 5.58
N GLY A 76 6.89 8.37 5.10
CA GLY A 76 8.04 7.94 5.90
C GLY A 76 7.68 6.88 6.92
N GLN A 77 6.41 6.85 7.31
CA GLN A 77 5.96 6.00 8.40
C GLN A 77 5.95 4.59 7.88
N VAL A 78 5.92 4.57 6.57
CA VAL A 78 5.89 3.40 5.77
C VAL A 78 6.86 2.33 6.28
N LYS A 79 8.14 2.67 6.30
CA LYS A 79 9.19 1.68 6.46
C LYS A 79 9.02 0.95 7.79
N LYS A 80 8.59 1.71 8.76
CA LYS A 80 8.46 1.22 10.11
C LYS A 80 7.17 0.49 10.24
N ILE A 81 6.14 1.12 9.75
CA ILE A 81 4.84 0.51 9.75
C ILE A 81 4.83 -0.70 8.82
N LEU A 82 5.88 -0.87 8.02
CA LEU A 82 6.08 -2.11 7.26
C LEU A 82 6.16 -3.29 8.21
N ALA A 83 6.53 -3.03 9.47
CA ALA A 83 6.39 -4.05 10.51
C ALA A 83 4.94 -4.57 10.55
N GLU A 84 4.00 -3.73 10.13
CA GLU A 84 2.60 -4.11 10.01
C GLU A 84 2.39 -5.13 8.90
N TYR A 85 3.15 -4.99 7.82
CA TYR A 85 2.98 -5.82 6.66
C TYR A 85 3.70 -7.16 6.82
N MET A 1 8.33 -15.42 -6.95
CA MET A 1 8.15 -14.32 -7.91
C MET A 1 6.65 -14.09 -8.15
N VAL A 2 6.29 -12.85 -8.45
CA VAL A 2 4.88 -12.45 -8.62
C VAL A 2 4.20 -12.37 -7.26
N PRO A 3 3.94 -11.14 -6.77
CA PRO A 3 3.32 -10.90 -5.47
C PRO A 3 2.03 -11.70 -5.27
N LYS A 4 2.16 -12.80 -4.52
CA LYS A 4 1.10 -13.78 -4.30
C LYS A 4 -0.27 -13.16 -4.22
N GLY A 5 -0.47 -12.41 -3.17
CA GLY A 5 -1.73 -11.72 -3.00
C GLY A 5 -2.40 -12.09 -1.71
N LYS A 6 -1.60 -12.32 -0.70
CA LYS A 6 -2.06 -12.48 0.64
C LYS A 6 -2.97 -11.29 0.96
N TYR A 7 -2.36 -10.12 0.92
CA TYR A 7 -3.07 -8.87 1.06
C TYR A 7 -2.97 -8.06 -0.24
N PRO A 8 -3.91 -8.25 -1.20
CA PRO A 8 -4.03 -7.39 -2.40
C PRO A 8 -4.29 -5.92 -2.03
N ILE A 9 -3.24 -5.11 -2.11
CA ILE A 9 -3.27 -3.78 -1.54
C ILE A 9 -3.90 -2.74 -2.47
N SER A 10 -4.07 -1.53 -1.94
CA SER A 10 -4.48 -0.39 -2.74
C SER A 10 -3.61 0.80 -2.38
N VAL A 11 -3.14 1.50 -3.40
CA VAL A 11 -2.27 2.64 -3.19
C VAL A 11 -2.94 3.93 -3.66
N CYS A 12 -3.04 4.90 -2.78
CA CYS A 12 -3.72 6.15 -3.12
C CYS A 12 -2.94 6.89 -4.20
N MET A 13 -3.54 6.98 -5.37
CA MET A 13 -3.00 7.78 -6.46
C MET A 13 -4.12 8.66 -7.03
N GLY A 14 -5.15 8.93 -6.22
CA GLY A 14 -6.37 9.50 -6.76
C GLY A 14 -6.22 10.91 -7.31
N THR A 15 -7.30 11.46 -7.85
CA THR A 15 -7.25 12.74 -8.54
C THR A 15 -6.92 13.89 -7.58
N ALA A 16 -7.59 13.90 -6.43
CA ALA A 16 -7.36 14.90 -5.41
C ALA A 16 -6.01 14.68 -4.76
N CYS A 17 -5.80 13.47 -4.30
CA CYS A 17 -4.64 13.10 -3.50
C CYS A 17 -3.33 13.29 -4.28
N PHE A 18 -3.37 13.05 -5.59
CA PHE A 18 -2.17 13.12 -6.43
C PHE A 18 -1.56 14.52 -6.41
N VAL A 19 -2.42 15.53 -6.32
CA VAL A 19 -1.98 16.93 -6.28
C VAL A 19 -1.36 17.23 -4.91
N LYS A 20 -1.77 16.46 -3.93
CA LYS A 20 -1.34 16.65 -2.55
C LYS A 20 0.00 15.95 -2.31
N GLY A 21 0.65 15.52 -3.39
CA GLY A 21 1.96 14.92 -3.27
C GLY A 21 1.92 13.42 -3.02
N ALA A 22 0.88 12.77 -3.56
CA ALA A 22 0.67 11.35 -3.31
C ALA A 22 1.72 10.51 -4.02
N ASP A 23 2.36 11.10 -5.03
CA ASP A 23 3.43 10.44 -5.74
C ASP A 23 4.53 10.00 -4.78
N LYS A 24 5.01 10.93 -3.97
CA LYS A 24 6.10 10.64 -3.05
C LYS A 24 5.62 9.63 -2.01
N VAL A 25 4.34 9.68 -1.70
CA VAL A 25 3.73 8.74 -0.79
C VAL A 25 3.94 7.34 -1.32
N VAL A 26 3.39 7.08 -2.48
CA VAL A 26 3.44 5.75 -3.02
C VAL A 26 4.88 5.33 -3.30
N HIS A 27 5.76 6.30 -3.58
CA HIS A 27 7.14 5.97 -3.89
C HIS A 27 7.77 5.20 -2.77
N ALA A 28 7.59 5.73 -1.57
CA ALA A 28 8.09 5.08 -0.38
C ALA A 28 7.54 3.67 -0.30
N PHE A 29 6.24 3.57 -0.56
CA PHE A 29 5.54 2.28 -0.60
C PHE A 29 6.25 1.32 -1.54
N LYS A 30 6.46 1.78 -2.77
CA LYS A 30 7.07 0.97 -3.81
C LYS A 30 8.37 0.35 -3.32
N GLU A 31 9.20 1.18 -2.74
CA GLU A 31 10.54 0.77 -2.37
C GLU A 31 10.57 0.07 -1.03
N GLN A 32 9.62 0.44 -0.18
CA GLN A 32 9.48 -0.20 1.10
C GLN A 32 9.13 -1.66 0.93
N LEU A 33 8.48 -1.99 -0.19
CA LEU A 33 8.23 -3.38 -0.52
C LEU A 33 9.51 -4.10 -0.42
N LYS A 34 10.45 -3.58 -1.18
CA LYS A 34 11.87 -3.94 -1.14
C LYS A 34 12.12 -5.38 -1.55
N ILE A 35 11.05 -6.14 -1.45
CA ILE A 35 10.94 -7.49 -1.94
C ILE A 35 12.00 -8.41 -1.36
N ASP A 36 12.02 -9.62 -1.89
CA ASP A 36 12.85 -10.68 -1.37
C ASP A 36 13.08 -11.67 -2.47
N ILE A 37 11.97 -12.03 -3.08
CA ILE A 37 11.91 -13.04 -4.12
C ILE A 37 10.58 -12.98 -4.86
N GLY A 38 9.79 -11.99 -4.53
CA GLY A 38 8.41 -12.00 -4.96
C GLY A 38 7.71 -10.82 -4.41
N ASP A 39 7.80 -10.70 -3.10
CA ASP A 39 7.18 -9.64 -2.35
C ASP A 39 7.53 -9.72 -0.91
N VAL A 40 8.20 -8.66 -0.53
CA VAL A 40 8.62 -8.32 0.83
C VAL A 40 9.42 -9.42 1.50
N THR A 41 8.75 -10.48 1.70
CA THR A 41 9.32 -11.66 2.34
C THR A 41 8.57 -12.90 1.90
N PRO A 42 7.25 -12.99 2.14
CA PRO A 42 6.52 -14.17 1.79
C PRO A 42 6.20 -14.28 0.31
N ASP A 43 6.79 -13.42 -0.54
CA ASP A 43 6.78 -13.64 -1.98
C ASP A 43 5.45 -13.15 -2.51
N GLY A 44 4.73 -12.48 -1.62
CA GLY A 44 3.48 -11.89 -2.00
C GLY A 44 2.58 -11.69 -0.83
N ARG A 45 3.07 -10.92 0.11
CA ARG A 45 2.30 -10.59 1.27
C ARG A 45 1.47 -9.37 0.95
N PHE A 46 2.14 -8.27 0.64
CA PHE A 46 1.45 -7.12 0.18
C PHE A 46 1.53 -6.94 -1.32
N SER A 47 0.44 -7.30 -1.96
CA SER A 47 0.35 -7.33 -3.41
C SER A 47 -0.18 -5.99 -3.90
N ILE A 48 0.76 -5.11 -4.20
CA ILE A 48 0.45 -3.73 -4.57
C ILE A 48 -0.48 -3.64 -5.78
N ASP A 49 -1.62 -2.94 -5.65
CA ASP A 49 -2.39 -2.59 -6.85
C ASP A 49 -3.03 -1.21 -6.78
N THR A 50 -2.83 -0.48 -7.87
CA THR A 50 -3.64 0.65 -8.30
C THR A 50 -5.16 0.40 -8.29
N LEU A 51 -5.55 -0.80 -8.78
CA LEU A 51 -6.92 -1.09 -9.24
C LEU A 51 -8.02 -0.77 -8.23
N ARG A 52 -7.73 -0.97 -6.95
CA ARG A 52 -8.67 -0.61 -5.89
C ARG A 52 -8.95 0.90 -5.93
N CYS A 53 -7.86 1.64 -5.97
CA CYS A 53 -7.83 3.10 -5.93
C CYS A 53 -8.63 3.75 -7.07
N VAL A 54 -9.02 5.02 -6.85
CA VAL A 54 -9.99 5.72 -7.69
C VAL A 54 -11.35 5.04 -7.52
N GLY A 55 -11.49 4.38 -6.39
CA GLY A 55 -12.68 3.67 -6.08
C GLY A 55 -13.41 4.21 -4.85
N GLY A 56 -13.89 5.46 -4.92
CA GLY A 56 -14.75 5.92 -3.85
C GLY A 56 -14.08 5.97 -2.48
N CYS A 57 -12.99 6.73 -2.31
CA CYS A 57 -12.08 6.47 -1.20
C CYS A 57 -11.78 7.76 -0.43
N ALA A 58 -11.66 8.88 -1.15
CA ALA A 58 -11.08 10.10 -0.60
C ALA A 58 -11.71 10.56 0.72
N LEU A 59 -13.01 10.34 0.95
CA LEU A 59 -13.61 10.76 2.21
C LEU A 59 -13.26 9.82 3.38
N ALA A 60 -12.39 8.87 3.12
CA ALA A 60 -11.72 8.13 4.18
C ALA A 60 -10.21 8.34 4.07
N PRO A 61 -9.43 8.09 5.12
CA PRO A 61 -8.03 7.77 4.91
C PRO A 61 -7.92 6.32 4.44
N ILE A 62 -7.39 6.09 3.25
CA ILE A 62 -7.24 4.74 2.76
C ILE A 62 -5.78 4.31 2.66
N VAL A 63 -5.46 3.15 3.22
CA VAL A 63 -4.33 2.38 2.73
C VAL A 63 -4.74 0.92 2.75
N MET A 64 -4.69 0.22 1.65
CA MET A 64 -5.20 -1.12 1.69
C MET A 64 -4.09 -2.11 1.51
N VAL A 65 -4.11 -3.14 2.32
CA VAL A 65 -3.48 -4.40 2.00
C VAL A 65 -4.54 -5.46 2.11
N GLY A 66 -4.90 -6.09 1.01
CA GLY A 66 -5.91 -7.12 1.02
C GLY A 66 -7.11 -6.73 1.83
N GLU A 67 -7.71 -7.73 2.38
CA GLU A 67 -8.83 -7.55 3.29
C GLU A 67 -8.29 -7.18 4.66
N LYS A 68 -7.16 -6.48 4.67
CA LYS A 68 -6.49 -6.09 5.89
C LYS A 68 -6.69 -4.61 6.13
N VAL A 69 -6.57 -3.85 5.05
CA VAL A 69 -6.70 -2.36 5.06
C VAL A 69 -5.90 -1.69 6.20
N TYR A 70 -4.75 -1.12 5.84
CA TYR A 70 -3.82 -0.54 6.82
C TYR A 70 -3.57 0.96 6.56
N GLY A 71 -2.41 1.42 7.03
CA GLY A 71 -2.01 2.81 6.90
C GLY A 71 -0.53 2.96 6.63
N ASN A 72 0.06 1.96 5.99
CA ASN A 72 1.47 1.99 5.62
C ASN A 72 1.65 2.78 4.32
N VAL A 73 2.31 3.95 4.37
CA VAL A 73 2.34 4.81 3.18
C VAL A 73 3.67 5.46 2.83
N THR A 74 4.04 6.52 3.51
CA THR A 74 5.23 7.27 3.09
C THR A 74 5.94 8.05 4.22
N PRO A 75 5.23 8.75 5.16
CA PRO A 75 5.88 9.65 6.12
C PRO A 75 6.59 8.90 7.23
N GLY A 76 7.52 8.04 6.83
CA GLY A 76 8.22 7.21 7.77
C GLY A 76 7.37 6.06 8.24
N GLN A 77 6.10 6.09 7.86
CA GLN A 77 5.11 5.17 8.39
C GLN A 77 5.37 3.83 7.79
N VAL A 78 5.77 3.90 6.56
CA VAL A 78 6.08 2.77 5.77
C VAL A 78 7.03 1.85 6.51
N LYS A 79 8.17 2.36 6.93
CA LYS A 79 9.25 1.51 7.39
C LYS A 79 8.74 0.58 8.48
N LYS A 80 8.00 1.18 9.39
CA LYS A 80 7.58 0.48 10.57
C LYS A 80 6.30 -0.29 10.31
N ILE A 81 5.40 0.33 9.58
CA ILE A 81 4.17 -0.34 9.19
C ILE A 81 4.48 -1.44 8.16
N LEU A 82 5.67 -1.39 7.58
CA LEU A 82 6.17 -2.47 6.74
C LEU A 82 6.21 -3.77 7.52
N ALA A 83 6.66 -3.70 8.77
CA ALA A 83 6.60 -4.86 9.66
C ALA A 83 5.17 -5.34 9.77
N GLU A 84 4.25 -4.39 9.69
CA GLU A 84 2.82 -4.67 9.69
C GLU A 84 2.36 -5.30 8.38
N TYR A 85 3.02 -4.94 7.29
CA TYR A 85 2.57 -5.31 5.98
C TYR A 85 2.91 -6.75 5.66
N MET A 1 -8.72 -10.99 12.94
CA MET A 1 -9.95 -11.78 12.67
C MET A 1 -9.66 -12.92 11.69
N VAL A 2 -9.18 -12.57 10.50
CA VAL A 2 -8.87 -13.57 9.49
C VAL A 2 -7.40 -13.51 9.09
N PRO A 3 -6.62 -14.55 9.42
CA PRO A 3 -5.21 -14.62 9.09
C PRO A 3 -4.96 -14.96 7.62
N LYS A 4 -4.20 -14.12 6.94
CA LYS A 4 -3.88 -14.34 5.54
C LYS A 4 -2.38 -14.36 5.33
N GLY A 5 -1.79 -13.18 5.29
CA GLY A 5 -0.37 -13.04 5.10
C GLY A 5 0.00 -12.61 3.71
N LYS A 6 -1.00 -12.40 2.88
CA LYS A 6 -0.78 -12.06 1.48
C LYS A 6 -1.77 -10.99 1.01
N TYR A 7 -1.79 -9.93 1.77
CA TYR A 7 -2.69 -8.82 1.55
C TYR A 7 -2.34 -8.02 0.28
N PRO A 8 -3.18 -8.04 -0.75
CA PRO A 8 -3.00 -7.16 -1.90
C PRO A 8 -3.33 -5.70 -1.54
N ILE A 9 -2.44 -4.78 -1.91
CA ILE A 9 -2.58 -3.38 -1.54
C ILE A 9 -3.61 -2.66 -2.41
N SER A 10 -4.15 -1.57 -1.86
CA SER A 10 -5.12 -0.74 -2.54
C SER A 10 -4.87 0.73 -2.21
N VAL A 11 -4.22 1.43 -3.14
CA VAL A 11 -3.82 2.83 -2.96
C VAL A 11 -4.52 3.72 -3.97
N CYS A 12 -5.23 4.75 -3.53
CA CYS A 12 -5.88 5.65 -4.47
C CYS A 12 -4.85 6.41 -5.28
N MET A 13 -4.95 6.25 -6.59
CA MET A 13 -4.14 7.01 -7.53
C MET A 13 -5.07 7.75 -8.47
N GLY A 14 -6.29 8.00 -7.99
CA GLY A 14 -7.30 8.66 -8.80
C GLY A 14 -6.95 10.10 -9.12
N THR A 15 -7.83 10.77 -9.85
CA THR A 15 -7.53 12.09 -10.35
C THR A 15 -7.41 13.12 -9.21
N ALA A 16 -8.34 13.08 -8.27
CA ALA A 16 -8.33 14.03 -7.16
C ALA A 16 -7.22 13.75 -6.17
N CYS A 17 -7.18 12.54 -5.64
CA CYS A 17 -6.29 12.19 -4.54
C CYS A 17 -4.81 12.23 -4.95
N PHE A 18 -4.51 11.81 -6.19
CA PHE A 18 -3.13 11.69 -6.67
C PHE A 18 -2.38 13.03 -6.73
N VAL A 19 -3.11 14.11 -6.98
CA VAL A 19 -2.50 15.42 -7.27
C VAL A 19 -1.83 16.01 -6.05
N LYS A 20 -2.20 15.53 -4.88
CA LYS A 20 -1.74 16.10 -3.61
C LYS A 20 -0.32 15.66 -3.27
N GLY A 21 0.40 15.13 -4.26
CA GLY A 21 1.76 14.68 -4.02
C GLY A 21 1.80 13.24 -3.59
N ALA A 22 0.86 12.46 -4.10
CA ALA A 22 0.71 11.07 -3.71
C ALA A 22 1.84 10.23 -4.29
N ASP A 23 2.49 10.73 -5.34
CA ASP A 23 3.61 10.03 -5.94
C ASP A 23 4.65 9.73 -4.87
N LYS A 24 5.05 10.74 -4.12
CA LYS A 24 6.16 10.60 -3.21
C LYS A 24 5.84 9.60 -2.11
N VAL A 25 4.62 9.64 -1.60
CA VAL A 25 4.25 8.76 -0.55
C VAL A 25 4.22 7.33 -1.05
N VAL A 26 3.57 7.11 -2.17
CA VAL A 26 3.51 5.78 -2.73
C VAL A 26 4.92 5.33 -3.15
N HIS A 27 5.79 6.28 -3.52
CA HIS A 27 7.13 5.93 -3.93
C HIS A 27 7.85 5.20 -2.81
N ALA A 28 7.68 5.73 -1.61
CA ALA A 28 8.23 5.10 -0.42
C ALA A 28 7.79 3.64 -0.39
N PHE A 29 6.49 3.43 -0.58
CA PHE A 29 5.88 2.11 -0.68
C PHE A 29 6.68 1.24 -1.64
N LYS A 30 6.81 1.75 -2.86
CA LYS A 30 7.48 1.04 -3.94
C LYS A 30 8.79 0.43 -3.50
N GLU A 31 9.63 1.24 -2.92
CA GLU A 31 10.98 0.81 -2.57
C GLU A 31 11.02 0.11 -1.24
N GLN A 32 10.12 0.49 -0.36
CA GLN A 32 10.00 -0.15 0.93
C GLN A 32 9.55 -1.59 0.72
N LEU A 33 8.87 -1.85 -0.41
CA LEU A 33 8.49 -3.19 -0.80
C LEU A 33 9.70 -4.05 -0.66
N LYS A 34 10.72 -3.62 -1.40
CA LYS A 34 12.09 -4.15 -1.35
C LYS A 34 12.18 -5.61 -1.78
N ILE A 35 11.04 -6.26 -1.68
CA ILE A 35 10.73 -7.55 -2.27
C ILE A 35 11.72 -8.65 -1.89
N ASP A 36 11.52 -9.78 -2.54
CA ASP A 36 12.22 -11.01 -2.24
C ASP A 36 12.16 -11.89 -3.46
N ILE A 37 10.93 -12.05 -3.93
CA ILE A 37 10.61 -12.90 -5.07
C ILE A 37 9.23 -12.60 -5.60
N GLY A 38 8.61 -11.57 -5.06
CA GLY A 38 7.22 -11.36 -5.27
C GLY A 38 6.79 -10.10 -4.63
N ASP A 39 6.90 -10.13 -3.32
CA ASP A 39 6.52 -9.03 -2.45
C ASP A 39 7.12 -9.25 -1.12
N VAL A 40 7.93 -8.27 -0.75
CA VAL A 40 8.53 -8.09 0.56
C VAL A 40 9.38 -9.26 0.99
N THR A 41 8.69 -10.31 1.17
CA THR A 41 9.26 -11.58 1.62
C THR A 41 8.28 -12.70 1.38
N PRO A 42 7.08 -12.63 1.95
CA PRO A 42 6.09 -13.64 1.74
C PRO A 42 5.54 -13.70 0.31
N ASP A 43 6.09 -12.87 -0.61
CA ASP A 43 5.97 -13.15 -2.04
C ASP A 43 4.67 -12.58 -2.55
N GLY A 44 3.89 -12.06 -1.64
CA GLY A 44 2.71 -11.34 -2.01
C GLY A 44 1.95 -10.84 -0.82
N ARG A 45 2.69 -10.34 0.16
CA ARG A 45 2.10 -9.77 1.36
C ARG A 45 1.71 -8.34 1.08
N PHE A 46 2.13 -7.92 -0.08
CA PHE A 46 2.05 -6.55 -0.51
C PHE A 46 0.94 -6.30 -1.55
N SER A 47 1.06 -7.00 -2.66
CA SER A 47 0.39 -6.71 -3.94
C SER A 47 0.11 -5.23 -4.19
N ILE A 48 -0.65 -4.94 -5.23
CA ILE A 48 -0.76 -3.56 -5.68
C ILE A 48 -1.91 -3.32 -6.67
N ASP A 49 -2.98 -2.70 -6.19
CA ASP A 49 -3.93 -2.07 -7.11
C ASP A 49 -4.50 -0.81 -6.50
N THR A 50 -4.46 0.26 -7.26
CA THR A 50 -5.30 1.45 -7.04
C THR A 50 -6.78 1.13 -6.87
N LEU A 51 -7.28 0.26 -7.75
CA LEU A 51 -8.70 0.13 -8.10
C LEU A 51 -9.65 -0.13 -6.92
N ARG A 52 -9.26 -0.92 -5.95
CA ARG A 52 -10.12 -1.17 -4.79
C ARG A 52 -10.37 0.14 -4.04
N CYS A 53 -9.26 0.73 -3.65
CA CYS A 53 -9.18 2.07 -3.07
C CYS A 53 -9.63 3.10 -4.13
N VAL A 54 -9.81 4.37 -3.74
CA VAL A 54 -10.65 5.33 -4.48
C VAL A 54 -12.11 4.99 -4.22
N GLY A 55 -12.31 4.46 -3.02
CA GLY A 55 -13.64 4.15 -2.55
C GLY A 55 -14.05 5.00 -1.35
N GLY A 56 -14.14 6.32 -1.54
CA GLY A 56 -14.74 7.15 -0.50
C GLY A 56 -13.99 7.17 0.83
N CYS A 57 -12.71 7.52 0.84
CA CYS A 57 -11.88 7.27 2.03
C CYS A 57 -11.02 8.50 2.32
N ALA A 58 -10.66 9.20 1.25
CA ALA A 58 -9.54 10.15 1.22
C ALA A 58 -9.44 11.15 2.37
N LEU A 59 -10.54 11.54 3.04
CA LEU A 59 -10.38 12.44 4.18
C LEU A 59 -9.82 11.72 5.42
N ALA A 60 -9.48 10.45 5.25
CA ALA A 60 -8.61 9.72 6.16
C ALA A 60 -7.37 9.31 5.40
N PRO A 61 -6.25 8.97 6.04
CA PRO A 61 -5.21 8.27 5.31
C PRO A 61 -5.65 6.82 5.10
N ILE A 62 -5.78 6.41 3.85
CA ILE A 62 -6.19 5.05 3.53
C ILE A 62 -5.06 4.25 2.91
N VAL A 63 -4.83 3.05 3.41
CA VAL A 63 -4.14 2.04 2.64
C VAL A 63 -4.77 0.69 2.92
N MET A 64 -5.24 -0.02 1.92
CA MET A 64 -5.85 -1.30 2.21
C MET A 64 -5.03 -2.43 1.66
N VAL A 65 -4.84 -3.47 2.47
CA VAL A 65 -4.17 -4.67 2.01
C VAL A 65 -5.05 -5.87 2.27
N GLY A 66 -5.43 -6.59 1.23
CA GLY A 66 -6.23 -7.80 1.45
C GLY A 66 -7.48 -7.52 2.23
N GLU A 67 -7.99 -6.31 2.03
CA GLU A 67 -9.14 -5.81 2.78
C GLU A 67 -8.87 -5.81 4.30
N LYS A 68 -7.60 -6.00 4.67
CA LYS A 68 -7.16 -5.91 6.06
C LYS A 68 -7.15 -4.45 6.50
N VAL A 69 -6.93 -3.57 5.52
CA VAL A 69 -6.85 -2.11 5.75
C VAL A 69 -5.70 -1.72 6.70
N TYR A 70 -4.59 -1.27 6.12
CA TYR A 70 -3.39 -0.90 6.88
C TYR A 70 -2.93 0.53 6.58
N GLY A 71 -1.66 0.79 6.91
CA GLY A 71 -1.07 2.09 6.71
C GLY A 71 0.34 1.99 6.16
N ASN A 72 0.69 0.85 5.59
CA ASN A 72 2.03 0.67 5.04
C ASN A 72 2.10 1.23 3.62
N VAL A 73 2.37 2.55 3.50
CA VAL A 73 2.42 3.20 2.19
C VAL A 73 3.32 4.44 2.16
N THR A 74 3.05 5.39 3.03
CA THR A 74 3.61 6.73 2.88
C THR A 74 4.77 6.96 3.85
N PRO A 75 5.76 7.80 3.45
CA PRO A 75 6.91 8.15 4.28
C PRO A 75 6.53 8.42 5.72
N GLY A 76 6.98 7.54 6.58
CA GLY A 76 6.53 7.54 7.95
C GLY A 76 5.87 6.23 8.27
N GLN A 77 4.58 6.11 7.93
CA GLN A 77 3.80 4.92 8.29
C GLN A 77 4.36 3.71 7.58
N VAL A 78 4.77 3.92 6.37
CA VAL A 78 5.22 2.88 5.50
C VAL A 78 6.28 2.01 6.18
N LYS A 79 7.36 2.63 6.60
CA LYS A 79 8.57 1.90 6.94
C LYS A 79 8.28 0.92 8.06
N LYS A 80 7.54 1.37 9.02
CA LYS A 80 7.31 0.60 10.22
C LYS A 80 6.11 -0.30 10.06
N ILE A 81 5.13 0.18 9.33
CA ILE A 81 3.98 -0.63 9.01
C ILE A 81 4.38 -1.76 8.06
N LEU A 82 5.58 -1.69 7.51
CA LEU A 82 6.14 -2.84 6.78
C LEU A 82 6.27 -4.03 7.71
N ALA A 83 6.62 -3.78 8.97
CA ALA A 83 6.59 -4.82 9.98
C ALA A 83 5.16 -5.35 10.09
N GLU A 84 4.22 -4.47 9.82
CA GLU A 84 2.82 -4.82 9.77
C GLU A 84 2.51 -5.65 8.52
N TYR A 85 3.21 -5.41 7.41
CA TYR A 85 3.03 -6.21 6.24
C TYR A 85 3.91 -7.45 6.29
N MET A 1 -8.14 -24.13 6.04
CA MET A 1 -6.73 -24.07 6.45
C MET A 1 -6.09 -22.77 6.00
N VAL A 2 -6.20 -22.47 4.71
CA VAL A 2 -5.52 -21.33 4.13
C VAL A 2 -6.44 -20.11 4.12
N PRO A 3 -6.02 -19.03 4.80
CA PRO A 3 -6.73 -17.75 4.78
C PRO A 3 -6.45 -17.00 3.47
N LYS A 4 -6.57 -15.68 3.50
CA LYS A 4 -6.24 -14.89 2.32
C LYS A 4 -4.74 -14.79 2.16
N GLY A 5 -4.16 -13.76 2.72
CA GLY A 5 -2.72 -13.58 2.63
C GLY A 5 -2.34 -12.94 1.32
N LYS A 6 -1.05 -12.64 1.15
CA LYS A 6 -0.53 -11.87 0.01
C LYS A 6 -1.52 -10.79 -0.42
N TYR A 7 -1.99 -10.08 0.60
CA TYR A 7 -2.93 -8.99 0.51
C TYR A 7 -2.75 -8.15 -0.76
N PRO A 8 -3.77 -8.13 -1.62
CA PRO A 8 -3.83 -7.15 -2.72
C PRO A 8 -4.00 -5.74 -2.17
N ILE A 9 -2.97 -4.92 -2.28
CA ILE A 9 -3.02 -3.56 -1.77
C ILE A 9 -3.79 -2.68 -2.74
N SER A 10 -4.29 -1.57 -2.24
CA SER A 10 -5.06 -0.64 -3.04
C SER A 10 -4.73 0.79 -2.65
N VAL A 11 -4.08 1.50 -3.57
CA VAL A 11 -3.69 2.89 -3.33
C VAL A 11 -4.37 3.83 -4.33
N CYS A 12 -5.16 4.78 -3.85
CA CYS A 12 -5.71 5.80 -4.72
C CYS A 12 -4.62 6.76 -5.20
N MET A 13 -4.46 6.87 -6.50
CA MET A 13 -3.54 7.84 -7.06
C MET A 13 -4.25 8.79 -8.02
N GLY A 14 -5.57 8.93 -7.85
CA GLY A 14 -6.35 9.78 -8.74
C GLY A 14 -5.99 11.25 -8.60
N THR A 15 -6.60 12.10 -9.42
CA THR A 15 -6.20 13.50 -9.49
C THR A 15 -6.48 14.27 -8.18
N ALA A 16 -7.66 14.07 -7.62
CA ALA A 16 -8.07 14.77 -6.39
C ALA A 16 -7.26 14.26 -5.20
N CYS A 17 -7.28 12.96 -5.02
CA CYS A 17 -6.60 12.30 -3.92
C CYS A 17 -5.08 12.48 -4.01
N PHE A 18 -4.58 12.64 -5.23
CA PHE A 18 -3.14 12.88 -5.49
C PHE A 18 -2.66 14.10 -4.71
N VAL A 19 -3.59 15.02 -4.46
CA VAL A 19 -3.29 16.27 -3.76
C VAL A 19 -2.94 15.98 -2.29
N LYS A 20 -3.35 14.81 -1.78
CA LYS A 20 -3.09 14.45 -0.39
C LYS A 20 -1.67 13.91 -0.23
N GLY A 21 -0.85 14.06 -1.28
CA GLY A 21 0.55 13.66 -1.21
C GLY A 21 0.75 12.20 -1.48
N ALA A 22 -0.14 11.62 -2.26
CA ALA A 22 -0.17 10.16 -2.46
C ALA A 22 0.99 9.70 -3.32
N ASP A 23 1.53 10.61 -4.12
CA ASP A 23 2.67 10.29 -4.98
C ASP A 23 3.86 9.86 -4.14
N LYS A 24 4.14 10.63 -3.09
CA LYS A 24 5.29 10.33 -2.26
C LYS A 24 5.04 9.03 -1.53
N VAL A 25 3.78 8.78 -1.20
CA VAL A 25 3.39 7.52 -0.56
C VAL A 25 3.85 6.38 -1.43
N VAL A 26 3.37 6.37 -2.66
CA VAL A 26 3.64 5.25 -3.52
C VAL A 26 5.14 5.07 -3.77
N HIS A 27 5.90 6.16 -3.84
CA HIS A 27 7.33 6.01 -4.05
C HIS A 27 7.95 5.26 -2.90
N ALA A 28 7.64 5.70 -1.70
CA ALA A 28 8.11 5.03 -0.52
C ALA A 28 7.68 3.59 -0.58
N PHE A 29 6.42 3.41 -0.98
CA PHE A 29 5.80 2.11 -1.10
C PHE A 29 6.64 1.18 -1.96
N LYS A 30 6.96 1.67 -3.15
CA LYS A 30 7.69 0.88 -4.13
C LYS A 30 8.94 0.29 -3.53
N GLU A 31 9.68 1.14 -2.87
CA GLU A 31 10.96 0.76 -2.30
C GLU A 31 10.78 0.05 -0.98
N GLN A 32 9.74 0.42 -0.27
CA GLN A 32 9.38 -0.18 0.98
C GLN A 32 8.98 -1.63 0.81
N LEU A 33 8.58 -2.01 -0.40
CA LEU A 33 8.38 -3.41 -0.70
C LEU A 33 9.65 -4.10 -0.42
N LYS A 34 10.66 -3.58 -1.08
CA LYS A 34 12.08 -3.93 -0.90
C LYS A 34 12.38 -5.36 -1.26
N ILE A 35 11.34 -6.16 -1.20
CA ILE A 35 11.31 -7.53 -1.67
C ILE A 35 12.41 -8.38 -1.06
N ASP A 36 12.48 -9.60 -1.52
CA ASP A 36 13.38 -10.59 -0.98
C ASP A 36 13.62 -11.62 -2.04
N ILE A 37 12.50 -12.04 -2.62
CA ILE A 37 12.47 -13.11 -3.60
C ILE A 37 11.13 -13.17 -4.32
N GLY A 38 10.29 -12.20 -4.04
CA GLY A 38 8.91 -12.32 -4.42
C GLY A 38 8.15 -11.13 -3.97
N ASP A 39 8.28 -10.89 -2.68
CA ASP A 39 7.61 -9.79 -2.03
C ASP A 39 8.03 -9.69 -0.62
N VAL A 40 8.61 -8.55 -0.36
CA VAL A 40 9.03 -8.06 0.95
C VAL A 40 9.98 -8.99 1.66
N THR A 41 9.44 -10.10 1.99
CA THR A 41 10.14 -11.14 2.72
C THR A 41 9.50 -12.49 2.43
N PRO A 42 8.22 -12.69 2.76
CA PRO A 42 7.60 -13.96 2.55
C PRO A 42 7.16 -14.22 1.11
N ASP A 43 7.53 -13.34 0.15
CA ASP A 43 7.40 -13.67 -1.26
C ASP A 43 5.98 -13.38 -1.69
N GLY A 44 5.24 -12.81 -0.75
CA GLY A 44 3.90 -12.41 -1.04
C GLY A 44 3.20 -11.87 0.17
N ARG A 45 3.53 -10.66 0.53
CA ARG A 45 2.87 -9.94 1.57
C ARG A 45 1.90 -8.98 0.94
N PHE A 46 2.44 -8.07 0.14
CA PHE A 46 1.64 -7.05 -0.44
C PHE A 46 1.74 -6.99 -1.96
N SER A 47 0.61 -7.26 -2.58
CA SER A 47 0.49 -7.22 -4.03
C SER A 47 -0.21 -5.93 -4.42
N ILE A 48 0.58 -4.90 -4.71
CA ILE A 48 0.07 -3.54 -4.87
C ILE A 48 -0.82 -3.38 -6.09
N ASP A 49 -1.95 -2.69 -5.91
CA ASP A 49 -2.69 -2.16 -7.07
C ASP A 49 -3.65 -1.03 -6.69
N THR A 50 -3.66 -0.04 -7.53
CA THR A 50 -4.62 1.07 -7.51
C THR A 50 -6.10 0.65 -7.40
N LEU A 51 -6.53 -0.28 -8.26
CA LEU A 51 -7.92 -0.34 -8.75
C LEU A 51 -9.03 -0.39 -7.68
N ARG A 52 -8.85 -1.13 -6.61
CA ARG A 52 -9.90 -1.22 -5.57
C ARG A 52 -10.12 0.13 -4.92
N CYS A 53 -9.04 0.68 -4.42
CA CYS A 53 -8.97 2.00 -3.82
C CYS A 53 -9.29 3.06 -4.88
N VAL A 54 -9.57 4.31 -4.49
CA VAL A 54 -10.40 5.26 -5.25
C VAL A 54 -11.85 4.79 -5.14
N GLY A 55 -12.09 4.12 -4.03
CA GLY A 55 -13.40 3.60 -3.70
C GLY A 55 -14.00 4.23 -2.45
N GLY A 56 -14.30 5.53 -2.48
CA GLY A 56 -15.02 6.13 -1.35
C GLY A 56 -14.29 6.13 -0.01
N CYS A 57 -13.08 6.69 0.04
CA CYS A 57 -12.24 6.56 1.25
C CYS A 57 -11.54 7.89 1.55
N ALA A 58 -11.29 8.65 0.48
CA ALA A 58 -10.28 9.71 0.45
C ALA A 58 -10.29 10.70 1.60
N LEU A 59 -11.44 10.99 2.25
CA LEU A 59 -11.39 11.93 3.36
C LEU A 59 -10.81 11.27 4.63
N ALA A 60 -10.32 10.05 4.48
CA ALA A 60 -9.44 9.42 5.45
C ALA A 60 -8.10 9.18 4.79
N PRO A 61 -7.00 8.96 5.54
CA PRO A 61 -5.83 8.37 4.92
C PRO A 61 -6.07 6.88 4.70
N ILE A 62 -6.03 6.44 3.45
CA ILE A 62 -6.24 5.05 3.14
C ILE A 62 -4.99 4.35 2.59
N VAL A 63 -4.66 3.18 3.11
CA VAL A 63 -4.00 2.18 2.28
C VAL A 63 -4.52 0.81 2.65
N MET A 64 -5.07 0.08 1.71
CA MET A 64 -5.69 -1.17 2.05
C MET A 64 -4.90 -2.28 1.43
N VAL A 65 -4.63 -3.31 2.19
CA VAL A 65 -4.01 -4.48 1.64
C VAL A 65 -4.82 -5.69 1.97
N GLY A 66 -5.34 -6.35 0.96
CA GLY A 66 -6.03 -7.62 1.16
C GLY A 66 -7.05 -7.59 2.24
N GLU A 67 -7.93 -6.61 2.18
CA GLU A 67 -8.99 -6.44 3.17
C GLU A 67 -8.44 -6.19 4.58
N LYS A 68 -7.12 -6.18 4.71
CA LYS A 68 -6.49 -6.00 6.02
C LYS A 68 -6.57 -4.55 6.43
N VAL A 69 -6.40 -3.67 5.46
CA VAL A 69 -6.42 -2.21 5.67
C VAL A 69 -5.31 -1.75 6.63
N TYR A 70 -4.36 -0.97 6.09
CA TYR A 70 -3.25 -0.47 6.87
C TYR A 70 -3.03 1.03 6.67
N GLY A 71 -1.93 1.50 7.24
CA GLY A 71 -1.53 2.88 7.11
C GLY A 71 -0.08 3.00 6.73
N ASN A 72 0.44 1.97 6.07
CA ASN A 72 1.80 1.96 5.59
C ASN A 72 1.89 2.86 4.33
N VAL A 73 2.59 4.00 4.43
CA VAL A 73 2.45 5.05 3.41
C VAL A 73 3.76 5.67 2.91
N THR A 74 4.16 6.82 3.44
CA THR A 74 5.38 7.48 2.97
C THR A 74 6.21 8.20 4.05
N PRO A 75 5.62 8.93 5.03
CA PRO A 75 6.38 9.81 5.93
C PRO A 75 7.19 9.04 6.99
N GLY A 76 8.06 8.16 6.51
CA GLY A 76 8.87 7.36 7.39
C GLY A 76 8.08 6.26 8.07
N GLN A 77 6.77 6.30 7.89
CA GLN A 77 5.86 5.45 8.67
C GLN A 77 5.97 4.07 8.11
N VAL A 78 6.25 4.06 6.83
CA VAL A 78 6.31 2.87 6.06
C VAL A 78 7.22 1.85 6.66
N LYS A 79 8.42 2.23 7.08
CA LYS A 79 9.41 1.24 7.49
C LYS A 79 8.80 0.36 8.55
N LYS A 80 8.14 1.03 9.45
CA LYS A 80 7.57 0.45 10.63
C LYS A 80 6.25 -0.20 10.30
N ILE A 81 5.44 0.53 9.58
CA ILE A 81 4.15 0.02 9.19
C ILE A 81 4.30 -1.12 8.17
N LEU A 82 5.49 -1.23 7.57
CA LEU A 82 5.82 -2.41 6.81
C LEU A 82 5.79 -3.65 7.70
N ALA A 83 6.17 -3.48 8.96
CA ALA A 83 5.98 -4.55 9.93
C ALA A 83 4.49 -4.86 10.07
N GLU A 84 3.67 -3.84 9.83
CA GLU A 84 2.23 -4.00 9.79
C GLU A 84 1.82 -4.77 8.56
N TYR A 85 2.64 -4.67 7.52
CA TYR A 85 2.39 -5.35 6.30
C TYR A 85 2.76 -6.82 6.42
N MET A 1 -9.45 -13.66 11.25
CA MET A 1 -8.93 -13.26 9.92
C MET A 1 -8.54 -14.49 9.10
N VAL A 2 -8.84 -14.45 7.81
CA VAL A 2 -8.44 -15.52 6.91
C VAL A 2 -7.21 -15.09 6.10
N PRO A 3 -6.01 -15.55 6.50
CA PRO A 3 -4.77 -15.22 5.83
C PRO A 3 -4.54 -16.09 4.60
N LYS A 4 -5.04 -15.62 3.46
CA LYS A 4 -4.90 -16.37 2.22
C LYS A 4 -3.51 -16.21 1.62
N GLY A 5 -3.21 -14.98 1.22
CA GLY A 5 -1.88 -14.69 0.72
C GLY A 5 -1.89 -13.60 -0.33
N LYS A 6 -0.77 -12.86 -0.42
CA LYS A 6 -0.58 -11.76 -1.38
C LYS A 6 -1.85 -10.92 -1.54
N TYR A 7 -2.30 -10.41 -0.41
CA TYR A 7 -3.47 -9.55 -0.33
C TYR A 7 -3.44 -8.45 -1.38
N PRO A 8 -4.52 -8.34 -2.17
CA PRO A 8 -4.69 -7.24 -3.13
C PRO A 8 -4.66 -5.88 -2.46
N ILE A 9 -3.48 -5.27 -2.44
CA ILE A 9 -3.29 -4.02 -1.72
C ILE A 9 -3.75 -2.82 -2.54
N SER A 10 -4.45 -1.93 -1.86
CA SER A 10 -5.01 -0.74 -2.49
C SER A 10 -4.15 0.49 -2.21
N VAL A 11 -3.71 1.15 -3.27
CA VAL A 11 -2.80 2.28 -3.14
C VAL A 11 -3.40 3.60 -3.63
N CYS A 12 -3.41 4.62 -2.77
CA CYS A 12 -3.87 5.95 -3.17
C CYS A 12 -2.93 6.60 -4.19
N MET A 13 -3.46 6.85 -5.37
CA MET A 13 -2.81 7.73 -6.34
C MET A 13 -3.80 8.78 -6.83
N GLY A 14 -4.83 9.06 -6.03
CA GLY A 14 -5.96 9.83 -6.51
C GLY A 14 -5.65 11.28 -6.83
N THR A 15 -6.66 11.99 -7.34
CA THR A 15 -6.50 13.37 -7.79
C THR A 15 -6.22 14.32 -6.63
N ALA A 16 -6.98 14.17 -5.56
CA ALA A 16 -6.86 15.06 -4.41
C ALA A 16 -5.55 14.81 -3.69
N CYS A 17 -5.32 13.55 -3.38
CA CYS A 17 -4.16 13.13 -2.63
C CYS A 17 -2.85 13.39 -3.39
N PHE A 18 -2.89 13.28 -4.73
CA PHE A 18 -1.70 13.48 -5.55
C PHE A 18 -1.13 14.90 -5.38
N VAL A 19 -2.01 15.85 -5.13
CA VAL A 19 -1.61 17.24 -4.94
C VAL A 19 -0.94 17.40 -3.57
N LYS A 20 -1.27 16.49 -2.67
CA LYS A 20 -0.73 16.49 -1.31
C LYS A 20 0.65 15.81 -1.30
N GLY A 21 1.16 15.51 -2.48
CA GLY A 21 2.48 14.94 -2.61
C GLY A 21 2.48 13.44 -2.42
N ALA A 22 1.36 12.81 -2.76
CA ALA A 22 1.16 11.40 -2.46
C ALA A 22 2.03 10.53 -3.34
N ASP A 23 2.44 11.06 -4.48
CA ASP A 23 3.29 10.32 -5.39
C ASP A 23 4.55 9.87 -4.67
N LYS A 24 5.25 10.81 -4.05
CA LYS A 24 6.55 10.50 -3.48
C LYS A 24 6.42 9.53 -2.33
N VAL A 25 5.37 9.68 -1.53
CA VAL A 25 5.18 8.82 -0.40
C VAL A 25 4.85 7.41 -0.84
N VAL A 26 3.96 7.29 -1.80
CA VAL A 26 3.65 5.96 -2.34
C VAL A 26 4.90 5.40 -3.03
N HIS A 27 5.73 6.29 -3.59
CA HIS A 27 6.98 5.87 -4.19
C HIS A 27 7.84 5.20 -3.15
N ALA A 28 7.92 5.83 -1.99
CA ALA A 28 8.67 5.29 -0.87
C ALA A 28 8.14 3.90 -0.57
N PHE A 29 6.81 3.80 -0.59
CA PHE A 29 6.10 2.54 -0.37
C PHE A 29 6.57 1.48 -1.35
N LYS A 30 6.59 1.86 -2.61
CA LYS A 30 7.03 0.95 -3.68
C LYS A 30 8.38 0.35 -3.33
N GLU A 31 9.28 1.20 -2.88
CA GLU A 31 10.63 0.79 -2.51
C GLU A 31 10.61 0.11 -1.15
N GLN A 32 9.68 0.52 -0.32
CA GLN A 32 9.45 -0.06 0.98
C GLN A 32 9.08 -1.52 0.87
N LEU A 33 8.47 -1.88 -0.27
CA LEU A 33 8.24 -3.27 -0.58
C LEU A 33 9.54 -3.99 -0.41
N LYS A 34 10.52 -3.52 -1.19
CA LYS A 34 11.94 -3.95 -1.15
C LYS A 34 12.09 -5.43 -1.38
N ILE A 35 10.94 -6.07 -1.53
CA ILE A 35 10.80 -7.45 -1.88
C ILE A 35 11.72 -8.36 -1.08
N ASP A 36 11.85 -9.58 -1.55
CA ASP A 36 12.62 -10.59 -0.86
C ASP A 36 12.97 -11.64 -1.86
N ILE A 37 11.97 -11.90 -2.69
CA ILE A 37 12.01 -12.89 -3.73
C ILE A 37 10.88 -12.69 -4.72
N GLY A 38 10.08 -11.66 -4.48
CA GLY A 38 8.81 -11.59 -5.19
C GLY A 38 7.79 -10.76 -4.45
N ASP A 39 7.91 -10.72 -3.13
CA ASP A 39 6.94 -10.07 -2.27
C ASP A 39 7.60 -9.29 -1.19
N VAL A 40 6.75 -8.51 -0.58
CA VAL A 40 7.04 -7.71 0.59
C VAL A 40 8.18 -8.30 1.37
N THR A 41 7.92 -9.51 1.73
CA THR A 41 8.87 -10.32 2.45
C THR A 41 8.54 -11.80 2.33
N PRO A 42 7.41 -12.26 2.86
CA PRO A 42 7.12 -13.66 2.92
C PRO A 42 6.64 -14.26 1.60
N ASP A 43 6.64 -13.48 0.52
CA ASP A 43 6.28 -13.98 -0.80
C ASP A 43 4.79 -14.16 -0.84
N GLY A 44 4.11 -13.47 0.05
CA GLY A 44 2.68 -13.51 0.02
C GLY A 44 2.01 -12.54 0.96
N ARG A 45 2.32 -11.28 0.75
CA ARG A 45 1.74 -10.21 1.51
C ARG A 45 1.04 -9.23 0.59
N PHE A 46 1.70 -8.89 -0.49
CA PHE A 46 1.25 -7.84 -1.35
C PHE A 46 0.95 -8.30 -2.76
N SER A 47 -0.10 -7.72 -3.31
CA SER A 47 -0.41 -7.78 -4.73
C SER A 47 -1.27 -6.57 -5.03
N ILE A 48 -0.62 -5.55 -5.55
CA ILE A 48 -1.15 -4.20 -5.49
C ILE A 48 -2.04 -3.84 -6.66
N ASP A 49 -3.00 -2.97 -6.37
CA ASP A 49 -3.66 -2.18 -7.40
C ASP A 49 -4.34 -0.97 -6.78
N THR A 50 -4.19 0.14 -7.47
CA THR A 50 -4.97 1.35 -7.28
C THR A 50 -6.48 1.10 -7.10
N LEU A 51 -7.07 0.24 -7.95
CA LEU A 51 -8.49 0.33 -8.31
C LEU A 51 -9.49 0.35 -7.13
N ARG A 52 -9.24 -0.42 -6.08
CA ARG A 52 -10.14 -0.40 -4.91
C ARG A 52 -10.12 0.99 -4.28
N CYS A 53 -8.91 1.37 -3.92
CA CYS A 53 -8.56 2.66 -3.37
C CYS A 53 -8.74 3.77 -4.42
N VAL A 54 -8.73 5.03 -3.97
CA VAL A 54 -9.10 6.18 -4.80
C VAL A 54 -10.60 6.15 -5.04
N GLY A 55 -11.28 5.53 -4.10
CA GLY A 55 -12.70 5.45 -4.11
C GLY A 55 -13.34 6.22 -2.97
N GLY A 56 -13.15 7.54 -2.91
CA GLY A 56 -13.88 8.32 -1.93
C GLY A 56 -13.54 7.97 -0.48
N CYS A 57 -12.28 8.09 -0.06
CA CYS A 57 -11.81 7.32 1.10
C CYS A 57 -11.08 8.27 2.04
N ALA A 58 -10.40 9.26 1.45
CA ALA A 58 -9.36 10.06 2.10
C ALA A 58 -9.74 10.61 3.47
N LEU A 59 -11.03 10.83 3.76
CA LEU A 59 -11.39 11.31 5.08
C LEU A 59 -11.24 10.21 6.15
N ALA A 60 -10.70 9.06 5.75
CA ALA A 60 -10.05 8.12 6.65
C ALA A 60 -8.60 7.99 6.24
N PRO A 61 -7.67 7.56 7.11
CA PRO A 61 -6.38 7.11 6.62
C PRO A 61 -6.52 5.72 6.02
N ILE A 62 -6.19 5.57 4.74
CA ILE A 62 -6.23 4.26 4.11
C ILE A 62 -4.86 3.73 3.75
N VAL A 63 -4.57 2.50 4.13
CA VAL A 63 -3.52 1.72 3.47
C VAL A 63 -4.02 0.27 3.40
N MET A 64 -4.24 -0.29 2.23
CA MET A 64 -4.90 -1.56 2.20
C MET A 64 -4.03 -2.63 1.58
N VAL A 65 -4.00 -3.81 2.18
CA VAL A 65 -3.62 -5.03 1.49
C VAL A 65 -4.76 -6.02 1.63
N GLY A 66 -5.40 -6.39 0.53
CA GLY A 66 -6.51 -7.28 0.60
C GLY A 66 -7.52 -6.81 1.62
N GLU A 67 -8.27 -7.74 2.12
CA GLU A 67 -9.18 -7.46 3.22
C GLU A 67 -8.42 -7.48 4.53
N LYS A 68 -7.17 -6.98 4.50
CA LYS A 68 -6.36 -6.89 5.71
C LYS A 68 -6.34 -5.45 6.21
N VAL A 69 -6.62 -4.51 5.29
CA VAL A 69 -6.69 -3.05 5.57
C VAL A 69 -5.82 -2.55 6.74
N TYR A 70 -4.68 -1.97 6.41
CA TYR A 70 -3.74 -1.49 7.43
C TYR A 70 -3.54 0.01 7.37
N GLY A 71 -2.42 0.43 7.93
CA GLY A 71 -2.08 1.83 7.96
C GLY A 71 -0.58 1.99 7.89
N ASN A 72 0.04 1.17 7.03
CA ASN A 72 1.50 1.17 6.84
C ASN A 72 1.97 2.50 6.25
N VAL A 73 0.98 3.34 5.95
CA VAL A 73 1.12 4.75 5.58
C VAL A 73 2.17 5.03 4.51
N THR A 74 2.63 6.27 4.44
CA THR A 74 3.40 6.71 3.30
C THR A 74 4.61 7.64 3.65
N PRO A 75 4.43 8.73 4.44
CA PRO A 75 5.49 9.74 4.62
C PRO A 75 6.57 9.31 5.61
N GLY A 76 7.48 8.45 5.15
CA GLY A 76 8.60 8.01 5.98
C GLY A 76 8.19 6.98 7.02
N GLN A 77 6.91 6.94 7.30
CA GLN A 77 6.37 6.14 8.39
C GLN A 77 6.31 4.73 7.89
N VAL A 78 6.35 4.67 6.59
CA VAL A 78 6.27 3.47 5.83
C VAL A 78 7.19 2.40 6.39
N LYS A 79 8.46 2.77 6.59
CA LYS A 79 9.49 1.79 6.86
C LYS A 79 9.08 0.93 8.04
N LYS A 80 8.72 1.63 9.07
CA LYS A 80 8.49 1.04 10.36
C LYS A 80 7.07 0.62 10.51
N ILE A 81 6.20 1.40 9.93
CA ILE A 81 4.81 1.06 9.95
C ILE A 81 4.57 -0.12 9.00
N LEU A 82 5.57 -0.42 8.16
CA LEU A 82 5.57 -1.62 7.32
C LEU A 82 5.40 -2.86 8.18
N ALA A 83 5.70 -2.74 9.48
CA ALA A 83 5.33 -3.77 10.45
C ALA A 83 3.85 -4.14 10.33
N GLU A 84 3.04 -3.24 9.77
CA GLU A 84 1.65 -3.49 9.48
C GLU A 84 1.51 -4.61 8.46
N TYR A 85 2.34 -4.53 7.43
CA TYR A 85 2.26 -5.42 6.32
C TYR A 85 3.11 -6.67 6.51
#